data_5ERG
#
_entry.id   5ERG
#
_cell.length_a   139.916
_cell.length_b   139.916
_cell.length_c   103.472
_cell.angle_alpha   90.00
_cell.angle_beta   90.00
_cell.angle_gamma   120.00
#
_symmetry.space_group_name_H-M   'P 32 2 1'
#
loop_
_entity.id
_entity.type
_entity.pdbx_description
1 polymer 'tRNA (adenine(58)-N(1))-methyltransferase non-catalytic subunit TRM6'
2 polymer 'tRNA (adenine(58)-N(1))-methyltransferase catalytic subunit TRM61'
3 non-polymer S-ADENOSYLMETHIONINE
4 water water
#
loop_
_entity_poly.entity_id
_entity_poly.type
_entity_poly.pdbx_seq_one_letter_code
_entity_poly.pdbx_strand_id
1 'polypeptide(L)'
;HHHHHHSQDPMNALTTIDFNQHVIVRLPSKNYKIVELKPNTSVSLGKFGAFEVNDIIGYPFGLTFEIYYDGEEVSSDENR
DSKPKNKIPIGKVRLLSQEIKDVNNDKDDGQSEPPLSIKEKSVSLELSSIDSSATNQNLVNMGSKAQELTVEEIEKMKQE
SLSSKEIIDKIIKSHKSFHNKTVYSQEKYVNRKKQKFAKYFTVEYLSSSNLLQFLIDKGDIQRVLDMSQESMGMLLNLAN
IQSEGNYLCMDETGGLLVYFLLERMFGGDNESKSKGKVIVIHENEHANLDLLKFANYSEKFIKEHVHTISLLDFFEPPTL
QEIQSRFTPLPKEEARALKGGKKNSYYRKLRWYNTQWQILELTGEFLYDGLVMATTLHLPTLVPKLAEKIHGSRPIVCYG
QFKETLLELAHTLYSDLRFLAPSILETRCRPYQSIRGKLHPLMTMKGGGGYLMWCHRVIPAPEPVSENATAADSSEKLAE
HGAKKQKI
;
A
2 'polypeptide(L)'
;MSTNCFSGYKDLIKEGDLTLIWVSRDNIKPVRMHSEEVFNTRYGSFPHKDIIGKPYGSQIAIRTKGSNKFAFVHVLQPTP
ELWTLSLPHRTQIVYTPDSSYIMQRLNCSPHSRVIEAGTGSGSFSHAFARSVGHLFSFEFHHIRYEQALEEFKEHGLIDD
NVTITHRDVCQGGFLIKKGDTTSYEFGNNETAASLNANVVFLDLPAPWDAIPHLDSVISVDEKVGLCCFSPCIEQVDKTL
DVLEKYGWTDVEMVEIQGRQYESRRQMVRSLNDALERLRDIKRHKLQGVERRKRMFNNTIDSNDEKVGKRNEDGVPLTEK
AKFNPFGKGSRIKEGDSNYKWKEVTKMEAEIKSHTSYLTFAFKVVNRSRDDEKVNEILRSTEK
;
B
#
# COMPACT_ATOMS: atom_id res chain seq x y z
N HIS A 4 -25.97 8.33 18.27
CA HIS A 4 -27.14 7.52 17.98
C HIS A 4 -28.21 7.60 19.09
N HIS A 5 -29.27 6.83 18.89
CA HIS A 5 -30.47 6.85 19.71
C HIS A 5 -30.65 5.53 20.47
N HIS A 6 -29.70 4.63 20.28
CA HIS A 6 -29.59 3.43 21.12
C HIS A 6 -28.63 3.72 22.27
N SER A 7 -28.96 3.24 23.46
CA SER A 7 -28.07 3.43 24.60
C SER A 7 -26.84 2.53 24.47
N GLN A 8 -27.02 1.37 23.83
CA GLN A 8 -25.94 0.40 23.65
C GLN A 8 -24.94 0.84 22.57
N ASP A 9 -23.69 0.45 22.77
CA ASP A 9 -22.62 0.71 21.80
C ASP A 9 -22.99 0.16 20.42
N PRO A 10 -22.72 0.96 19.35
CA PRO A 10 -22.99 0.53 17.97
C PRO A 10 -22.09 -0.62 17.51
N MET A 11 -22.49 -1.27 16.43
CA MET A 11 -21.67 -2.31 15.84
C MET A 11 -20.55 -1.71 14.98
N ASN A 12 -19.37 -2.31 15.09
CA ASN A 12 -18.19 -1.92 14.31
C ASN A 12 -18.28 -2.51 12.90
N ALA A 13 -18.51 -1.66 11.91
CA ALA A 13 -18.69 -2.11 10.53
C ALA A 13 -17.40 -2.64 9.87
N LEU A 14 -16.28 -2.50 10.57
CA LEU A 14 -14.99 -2.97 10.07
C LEU A 14 -14.79 -4.41 10.47
N THR A 15 -15.44 -4.82 11.56
CA THR A 15 -15.31 -6.17 12.07
C THR A 15 -16.59 -6.99 11.92
N THR A 16 -17.72 -6.32 11.68
CA THR A 16 -19.03 -6.92 11.85
C THR A 16 -20.02 -6.58 10.73
N ILE A 17 -20.75 -7.59 10.26
CA ILE A 17 -21.80 -7.36 9.27
C ILE A 17 -22.88 -6.45 9.85
N ASP A 18 -23.16 -5.34 9.16
CA ASP A 18 -23.97 -4.27 9.75
C ASP A 18 -24.92 -3.68 8.72
N PHE A 19 -26.05 -3.16 9.21
CA PHE A 19 -27.09 -2.55 8.39
C PHE A 19 -26.57 -1.41 7.51
N ASN A 20 -27.09 -1.33 6.28
CA ASN A 20 -26.80 -0.21 5.37
C ASN A 20 -25.34 -0.15 4.91
N GLN A 21 -24.59 -1.24 5.11
CA GLN A 21 -23.23 -1.32 4.60
C GLN A 21 -23.24 -2.01 3.26
N HIS A 22 -22.35 -1.61 2.36
CA HIS A 22 -22.07 -2.43 1.18
C HIS A 22 -21.05 -3.49 1.57
N VAL A 23 -21.40 -4.74 1.32
CA VAL A 23 -20.52 -5.85 1.66
C VAL A 23 -20.28 -6.80 0.52
N ILE A 24 -19.32 -7.67 0.67
CA ILE A 24 -19.01 -8.66 -0.37
C ILE A 24 -19.65 -10.01 -0.09
N VAL A 25 -20.22 -10.63 -1.12
CA VAL A 25 -20.75 -11.97 -0.97
C VAL A 25 -20.04 -12.90 -1.98
N ARG A 26 -19.37 -13.93 -1.47
CA ARG A 26 -18.74 -14.94 -2.32
C ARG A 26 -19.64 -16.14 -2.50
N LEU A 27 -19.94 -16.47 -3.76
CA LEU A 27 -20.86 -17.55 -4.11
C LEU A 27 -20.12 -18.88 -4.18
N PRO A 28 -20.86 -20.00 -4.26
CA PRO A 28 -20.17 -21.30 -4.32
C PRO A 28 -19.32 -21.45 -5.58
N SER A 29 -19.69 -20.73 -6.63
CA SER A 29 -18.89 -20.70 -7.85
C SER A 29 -17.68 -19.77 -7.69
N LYS A 30 -17.52 -19.20 -6.49
CA LYS A 30 -16.37 -18.39 -6.08
C LYS A 30 -16.31 -16.97 -6.68
N ASN A 31 -17.26 -16.62 -7.55
CA ASN A 31 -17.33 -15.24 -8.01
C ASN A 31 -17.97 -14.35 -6.94
N TYR A 32 -17.70 -13.04 -7.02
CA TYR A 32 -18.18 -12.11 -6.00
C TYR A 32 -19.43 -11.35 -6.41
N LYS A 33 -20.19 -10.92 -5.40
CA LYS A 33 -21.25 -9.95 -5.62
C LYS A 33 -21.07 -8.87 -4.57
N ILE A 34 -21.53 -7.67 -4.88
CA ILE A 34 -21.60 -6.63 -3.87
C ILE A 34 -23.06 -6.45 -3.50
N VAL A 35 -23.34 -6.46 -2.20
CA VAL A 35 -24.71 -6.39 -1.70
C VAL A 35 -24.85 -5.27 -0.70
N GLU A 36 -25.87 -4.43 -0.87
CA GLU A 36 -26.18 -3.41 0.12
C GLU A 36 -27.18 -3.99 1.14
N LEU A 37 -26.90 -3.81 2.42
CA LEU A 37 -27.67 -4.49 3.46
C LEU A 37 -28.79 -3.58 4.03
N LYS A 38 -29.80 -3.34 3.25
CA LYS A 38 -30.90 -2.53 3.71
C LYS A 38 -31.76 -3.38 4.63
N PRO A 39 -32.11 -2.85 5.78
CA PRO A 39 -32.91 -3.58 6.77
C PRO A 39 -34.26 -4.01 6.20
N ASN A 40 -34.75 -5.19 6.58
CA ASN A 40 -36.07 -5.69 6.18
C ASN A 40 -36.19 -5.89 4.68
N THR A 41 -35.09 -6.29 4.05
CA THR A 41 -35.10 -6.60 2.63
C THR A 41 -34.53 -8.00 2.46
N SER A 42 -34.69 -8.55 1.25
CA SER A 42 -34.12 -9.84 0.93
C SER A 42 -33.12 -9.72 -0.22
N VAL A 43 -32.25 -10.70 -0.32
CA VAL A 43 -31.20 -10.72 -1.33
C VAL A 43 -31.26 -12.02 -2.13
N SER A 44 -31.30 -11.90 -3.44
CA SER A 44 -31.35 -13.06 -4.33
C SER A 44 -29.97 -13.40 -4.88
N LEU A 45 -29.62 -14.68 -4.83
CA LEU A 45 -28.35 -15.16 -5.36
C LEU A 45 -28.65 -16.08 -6.50
N GLY A 46 -29.79 -15.84 -7.14
CA GLY A 46 -30.26 -16.67 -8.22
C GLY A 46 -30.36 -18.14 -7.86
N LYS A 47 -29.65 -18.96 -8.63
CA LYS A 47 -29.60 -20.40 -8.46
C LYS A 47 -29.36 -20.83 -7.00
N PHE A 48 -28.57 -20.05 -6.26
CA PHE A 48 -28.18 -20.42 -4.91
C PHE A 48 -29.18 -19.96 -3.86
N GLY A 49 -30.34 -19.48 -4.30
CA GLY A 49 -31.41 -19.11 -3.38
C GLY A 49 -31.42 -17.65 -2.98
N ALA A 50 -32.30 -17.31 -2.03
CA ALA A 50 -32.43 -15.95 -1.53
C ALA A 50 -32.49 -15.98 -0.02
N PHE A 51 -32.14 -14.86 0.61
CA PHE A 51 -32.12 -14.81 2.05
C PHE A 51 -32.55 -13.45 2.57
N GLU A 52 -32.79 -13.41 3.88
CA GLU A 52 -33.19 -12.21 4.57
C GLU A 52 -31.98 -11.49 5.14
N VAL A 53 -31.78 -10.25 4.69
CA VAL A 53 -30.69 -9.40 5.18
C VAL A 53 -30.56 -9.43 6.70
N ASN A 54 -31.68 -9.27 7.42
CA ASN A 54 -31.66 -9.27 8.89
C ASN A 54 -30.99 -10.48 9.53
N ASP A 55 -31.04 -11.61 8.83
CA ASP A 55 -30.56 -12.84 9.43
C ASP A 55 -29.03 -12.96 9.43
N ILE A 56 -28.32 -12.07 8.75
CA ILE A 56 -26.85 -12.14 8.79
C ILE A 56 -26.21 -10.99 9.57
N ILE A 57 -26.99 -9.99 9.99
CA ILE A 57 -26.42 -8.84 10.70
C ILE A 57 -25.89 -9.24 12.06
N GLY A 58 -24.72 -8.70 12.43
CA GLY A 58 -24.19 -8.92 13.77
C GLY A 58 -23.11 -9.97 13.83
N TYR A 59 -22.99 -10.77 12.77
CA TYR A 59 -21.92 -11.76 12.67
C TYR A 59 -20.60 -11.11 12.26
N PRO A 60 -19.46 -11.75 12.57
CA PRO A 60 -18.18 -11.31 12.01
C PRO A 60 -18.09 -11.63 10.50
N PHE A 61 -17.22 -10.91 9.80
CA PHE A 61 -16.91 -11.27 8.41
C PHE A 61 -16.21 -12.61 8.35
N GLY A 62 -16.27 -13.27 7.20
CA GLY A 62 -15.46 -14.47 7.01
C GLY A 62 -16.25 -15.75 7.18
N LEU A 63 -17.52 -15.62 7.57
CA LEU A 63 -18.34 -16.81 7.78
C LEU A 63 -19.12 -17.22 6.55
N THR A 64 -19.37 -18.52 6.47
CA THR A 64 -20.15 -19.11 5.41
C THR A 64 -21.51 -19.53 5.95
N PHE A 65 -22.56 -19.07 5.27
CA PHE A 65 -23.94 -19.29 5.66
C PHE A 65 -24.61 -20.25 4.69
N GLU A 66 -25.41 -21.17 5.23
CA GLU A 66 -26.21 -22.05 4.39
C GLU A 66 -27.65 -21.53 4.29
N ILE A 67 -28.19 -21.53 3.07
CA ILE A 67 -29.60 -21.20 2.87
C ILE A 67 -30.41 -22.49 2.79
N TYR A 68 -31.40 -22.64 3.68
CA TYR A 68 -32.21 -23.86 3.69
C TYR A 68 -33.70 -23.53 3.70
N TYR A 69 -34.50 -24.50 3.27
CA TYR A 69 -35.94 -24.29 3.10
C TYR A 69 -36.74 -25.28 3.92
N ASP A 70 -37.82 -24.80 4.54
CA ASP A 70 -38.78 -25.67 5.24
C ASP A 70 -39.79 -26.28 4.27
N PRO A 89 -37.99 -17.42 -4.12
CA PRO A 89 -38.30 -18.06 -2.85
C PRO A 89 -37.24 -17.77 -1.78
N ILE A 90 -37.65 -17.18 -0.67
CA ILE A 90 -36.71 -16.76 0.37
C ILE A 90 -36.49 -17.87 1.42
N GLY A 91 -35.24 -18.21 1.67
CA GLY A 91 -34.93 -19.25 2.64
C GLY A 91 -34.51 -18.72 3.99
N LYS A 92 -34.18 -19.64 4.89
CA LYS A 92 -33.59 -19.26 6.17
C LYS A 92 -32.08 -19.46 6.08
N VAL A 93 -31.33 -18.85 6.99
CA VAL A 93 -29.89 -19.05 7.01
C VAL A 93 -29.38 -19.59 8.34
N ARG A 94 -28.34 -20.40 8.25
CA ARG A 94 -27.63 -20.89 9.41
C ARG A 94 -26.17 -21.02 9.00
N LEU A 95 -25.27 -21.15 9.98
CA LEU A 95 -23.87 -21.32 9.65
C LEU A 95 -23.72 -22.67 8.97
N LEU A 96 -22.89 -22.73 7.93
CA LEU A 96 -22.77 -23.96 7.17
C LEU A 96 -22.18 -25.07 8.04
N SER A 97 -23.01 -26.08 8.32
CA SER A 97 -22.61 -27.23 9.16
C SER A 97 -21.80 -28.26 8.37
N LYS A 199 -27.92 -22.99 -1.76
CA LYS A 199 -26.85 -23.74 -1.11
C LYS A 199 -26.14 -22.85 -0.08
N TYR A 200 -25.09 -22.11 -0.45
CA TYR A 200 -24.39 -21.31 0.58
C TYR A 200 -23.67 -20.07 0.05
N PHE A 201 -23.24 -19.20 0.97
CA PHE A 201 -22.49 -18.01 0.60
C PHE A 201 -21.61 -17.56 1.75
N THR A 202 -20.58 -16.78 1.43
CA THR A 202 -19.65 -16.27 2.43
C THR A 202 -19.67 -14.75 2.36
N VAL A 203 -19.76 -14.10 3.51
CA VAL A 203 -19.84 -12.64 3.56
C VAL A 203 -18.50 -12.07 4.01
N GLU A 204 -17.99 -11.08 3.25
CA GLU A 204 -16.69 -10.47 3.52
C GLU A 204 -16.78 -8.95 3.55
N TYR A 205 -15.85 -8.33 4.26
CA TYR A 205 -15.68 -6.88 4.22
C TYR A 205 -15.36 -6.44 2.77
N LEU A 206 -15.82 -5.26 2.38
CA LEU A 206 -15.51 -4.78 1.03
C LEU A 206 -14.15 -4.09 1.02
N SER A 207 -13.08 -4.86 1.02
CA SER A 207 -11.73 -4.32 1.04
C SER A 207 -11.35 -3.80 -0.35
N SER A 208 -10.24 -3.08 -0.42
CA SER A 208 -9.72 -2.66 -1.72
C SER A 208 -9.43 -3.91 -2.57
N SER A 209 -8.82 -4.95 -1.98
CA SER A 209 -8.62 -6.20 -2.71
C SER A 209 -9.91 -6.85 -3.26
N ASN A 210 -10.97 -6.86 -2.46
CA ASN A 210 -12.19 -7.54 -2.84
C ASN A 210 -12.95 -6.73 -3.90
N LEU A 211 -12.88 -5.41 -3.80
CA LEU A 211 -13.49 -4.57 -4.83
C LEU A 211 -12.81 -4.84 -6.19
N LEU A 212 -11.48 -4.88 -6.20
CA LEU A 212 -10.75 -5.19 -7.43
C LEU A 212 -11.18 -6.55 -7.97
N GLN A 213 -11.22 -7.56 -7.12
CA GLN A 213 -11.59 -8.91 -7.56
C GLN A 213 -13.03 -8.92 -8.10
N PHE A 214 -13.94 -8.25 -7.41
CA PHE A 214 -15.31 -8.13 -7.89
C PHE A 214 -15.36 -7.54 -9.31
N LEU A 215 -14.56 -6.49 -9.56
CA LEU A 215 -14.56 -5.85 -10.87
C LEU A 215 -14.01 -6.78 -11.96
N ILE A 216 -13.02 -7.59 -11.59
CA ILE A 216 -12.50 -8.59 -12.52
C ILE A 216 -13.53 -9.68 -12.80
N ASP A 217 -14.17 -10.22 -11.76
CA ASP A 217 -15.23 -11.23 -11.93
C ASP A 217 -16.34 -10.75 -12.87
N LYS A 218 -16.67 -9.47 -12.82
CA LYS A 218 -17.79 -9.00 -13.63
C LYS A 218 -17.32 -8.62 -15.03
N GLY A 219 -16.02 -8.76 -15.28
CA GLY A 219 -15.48 -8.60 -16.63
C GLY A 219 -14.88 -7.24 -16.93
N ASP A 220 -14.75 -6.40 -15.91
CA ASP A 220 -14.29 -5.01 -16.09
C ASP A 220 -12.77 -4.86 -16.07
N ILE A 221 -12.05 -5.89 -16.47
CA ILE A 221 -10.60 -5.89 -16.36
C ILE A 221 -9.93 -4.72 -17.12
N GLN A 222 -10.42 -4.35 -18.30
CA GLN A 222 -9.83 -3.20 -19.00
C GLN A 222 -10.19 -1.87 -18.34
N ARG A 223 -11.34 -1.82 -17.70
CA ARG A 223 -11.71 -0.61 -16.96
C ARG A 223 -10.70 -0.33 -15.83
N VAL A 224 -10.15 -1.39 -15.23
CA VAL A 224 -9.18 -1.20 -14.17
C VAL A 224 -7.74 -1.32 -14.72
N LEU A 225 -7.60 -1.21 -16.04
CA LEU A 225 -6.30 -1.17 -16.70
C LEU A 225 -5.46 -2.43 -16.42
N ASP A 226 -6.13 -3.57 -16.25
CA ASP A 226 -5.49 -4.87 -16.09
C ASP A 226 -4.69 -5.01 -14.78
N MET A 227 -5.00 -4.17 -13.78
CA MET A 227 -4.19 -4.20 -12.58
C MET A 227 -4.49 -5.45 -11.73
N SER A 228 -3.50 -5.84 -10.93
CA SER A 228 -3.61 -7.00 -10.06
C SER A 228 -3.47 -6.57 -8.63
N GLN A 229 -3.89 -7.43 -7.72
CA GLN A 229 -3.72 -7.21 -6.29
C GLN A 229 -2.25 -6.96 -5.94
N GLU A 230 -1.35 -7.77 -6.50
CA GLU A 230 0.06 -7.65 -6.12
C GLU A 230 0.68 -6.35 -6.66
N SER A 231 0.31 -5.94 -7.86
CA SER A 231 0.83 -4.67 -8.38
C SER A 231 0.36 -3.47 -7.57
N MET A 232 -0.91 -3.49 -7.17
CA MET A 232 -1.44 -2.38 -6.36
C MET A 232 -0.87 -2.43 -4.95
N GLY A 233 -0.74 -3.63 -4.41
CA GLY A 233 -0.06 -3.76 -3.13
C GLY A 233 1.35 -3.19 -3.15
N MET A 234 2.11 -3.49 -4.21
CA MET A 234 3.47 -2.96 -4.29
C MET A 234 3.45 -1.44 -4.49
N LEU A 235 2.51 -0.93 -5.29
CA LEU A 235 2.41 0.53 -5.50
C LEU A 235 2.26 1.29 -4.17
N LEU A 236 1.36 0.79 -3.30
CA LEU A 236 1.18 1.40 -1.98
C LEU A 236 2.49 1.53 -1.19
N ASN A 237 3.34 0.51 -1.23
CA ASN A 237 4.55 0.56 -0.41
C ASN A 237 5.69 1.29 -1.11
N LEU A 238 5.84 1.10 -2.42
CA LEU A 238 6.84 1.88 -3.15
C LEU A 238 6.56 3.40 -3.01
N ALA A 239 5.28 3.76 -2.94
CA ALA A 239 4.91 5.19 -2.77
C ALA A 239 4.93 5.65 -1.33
N ASN A 240 5.22 4.73 -0.40
CA ASN A 240 5.37 5.08 1.02
C ASN A 240 4.11 5.74 1.61
N ILE A 241 2.95 5.19 1.25
CA ILE A 241 1.69 5.80 1.60
C ILE A 241 1.37 5.62 3.09
N GLN A 242 1.06 6.75 3.74
CA GLN A 242 0.91 6.87 5.19
C GLN A 242 -0.30 7.70 5.55
N SER A 243 -0.75 7.54 6.78
CA SER A 243 -1.97 8.20 7.24
C SER A 243 -1.91 9.73 7.19
N GLU A 244 -0.73 10.32 7.33
CA GLU A 244 -0.60 11.78 7.37
C GLU A 244 -0.10 12.41 6.08
N GLY A 245 0.12 11.61 5.04
CA GLY A 245 0.69 12.16 3.82
C GLY A 245 -0.36 12.85 2.96
N ASN A 246 0.09 13.84 2.19
CA ASN A 246 -0.69 14.47 1.12
C ASN A 246 -0.22 14.01 -0.27
N TYR A 247 -0.99 13.14 -0.90
CA TYR A 247 -0.56 12.51 -2.16
C TYR A 247 -1.25 13.03 -3.41
N LEU A 248 -0.47 13.28 -4.44
CA LEU A 248 -0.95 13.67 -5.76
C LEU A 248 -1.33 12.37 -6.46
N CYS A 249 -2.47 12.32 -7.12
CA CYS A 249 -3.00 11.10 -7.70
C CYS A 249 -3.74 11.33 -9.00
N MET A 250 -3.45 10.50 -10.00
CA MET A 250 -4.32 10.42 -11.17
C MET A 250 -4.89 9.01 -11.22
N ASP A 251 -6.19 8.92 -11.47
CA ASP A 251 -6.90 7.66 -11.39
C ASP A 251 -7.98 7.63 -12.48
N GLU A 252 -7.78 6.74 -13.44
CA GLU A 252 -8.65 6.64 -14.59
C GLU A 252 -9.61 5.46 -14.41
N THR A 253 -9.58 4.84 -13.24
CA THR A 253 -10.32 3.60 -13.03
C THR A 253 -11.72 3.77 -12.43
N GLY A 254 -12.16 5.01 -12.23
CA GLY A 254 -13.41 5.25 -11.54
C GLY A 254 -13.19 5.35 -10.04
N GLY A 255 -11.93 5.51 -9.64
CA GLY A 255 -11.57 5.64 -8.23
C GLY A 255 -11.03 4.41 -7.50
N LEU A 256 -10.70 3.33 -8.21
CA LEU A 256 -10.15 2.15 -7.55
C LEU A 256 -8.80 2.45 -6.87
N LEU A 257 -7.95 3.22 -7.53
CA LEU A 257 -6.66 3.59 -6.94
C LEU A 257 -6.84 4.46 -5.69
N VAL A 258 -7.74 5.45 -5.78
CA VAL A 258 -8.04 6.30 -4.62
C VAL A 258 -8.54 5.42 -3.47
N TYR A 259 -9.34 4.42 -3.80
CA TYR A 259 -9.85 3.52 -2.77
C TYR A 259 -8.73 2.70 -2.09
N PHE A 260 -7.78 2.18 -2.88
CA PHE A 260 -6.61 1.51 -2.29
C PHE A 260 -5.88 2.42 -1.32
N LEU A 261 -5.64 3.66 -1.71
CA LEU A 261 -4.97 4.62 -0.84
C LEU A 261 -5.73 4.87 0.47
N LEU A 262 -7.00 5.26 0.36
CA LEU A 262 -7.83 5.58 1.52
C LEU A 262 -7.88 4.45 2.50
N GLU A 263 -8.09 3.23 2.02
CA GLU A 263 -8.14 2.06 2.90
C GLU A 263 -6.84 1.78 3.63
N ARG A 264 -5.71 1.99 2.96
CA ARG A 264 -4.39 1.82 3.60
C ARG A 264 -4.20 2.95 4.62
N MET A 265 -4.54 4.18 4.22
CA MET A 265 -4.39 5.32 5.11
C MET A 265 -5.34 5.29 6.34
N PHE A 266 -6.60 4.90 6.14
CA PHE A 266 -7.59 5.08 7.21
C PHE A 266 -8.29 3.80 7.64
N GLY A 267 -8.14 2.72 6.88
CA GLY A 267 -8.71 1.45 7.28
C GLY A 267 -10.23 1.37 7.35
N GLY A 268 -10.92 2.27 6.65
CA GLY A 268 -12.38 2.27 6.65
C GLY A 268 -12.98 3.10 7.79
N ASP A 269 -12.13 3.71 8.58
CA ASP A 269 -12.55 4.39 9.80
C ASP A 269 -12.99 5.85 9.56
N ASN A 270 -14.29 6.04 9.49
CA ASN A 270 -14.84 7.38 9.28
C ASN A 270 -14.53 8.36 10.41
N GLU A 271 -14.20 7.83 11.58
CA GLU A 271 -13.86 8.66 12.73
C GLU A 271 -12.36 8.85 12.93
N SER A 272 -11.56 8.42 11.95
CA SER A 272 -10.11 8.53 12.08
C SER A 272 -9.69 9.97 12.33
N LYS A 273 -8.68 10.14 13.18
CA LYS A 273 -8.14 11.45 13.52
C LYS A 273 -7.01 11.86 12.57
N SER A 274 -6.58 10.95 11.69
CA SER A 274 -5.49 11.25 10.77
C SER A 274 -5.89 12.32 9.77
N LYS A 275 -4.90 13.06 9.28
CA LYS A 275 -5.18 14.24 8.47
C LYS A 275 -4.69 14.12 7.02
N GLY A 276 -4.29 12.92 6.60
CA GLY A 276 -3.84 12.69 5.25
C GLY A 276 -4.87 12.97 4.17
N LYS A 277 -4.39 13.29 2.98
CA LYS A 277 -5.27 13.65 1.88
C LYS A 277 -4.83 13.01 0.57
N VAL A 278 -5.81 12.66 -0.27
CA VAL A 278 -5.53 12.30 -1.64
C VAL A 278 -6.06 13.41 -2.51
N ILE A 279 -5.16 14.01 -3.29
CA ILE A 279 -5.55 15.06 -4.21
C ILE A 279 -5.60 14.45 -5.61
N VAL A 280 -6.79 14.41 -6.19
CA VAL A 280 -6.98 13.77 -7.48
C VAL A 280 -7.05 14.77 -8.61
N ILE A 281 -6.09 14.68 -9.53
CA ILE A 281 -6.07 15.52 -10.71
C ILE A 281 -6.69 14.75 -11.86
N HIS A 282 -7.64 15.37 -12.57
CA HIS A 282 -8.42 14.61 -13.54
C HIS A 282 -8.61 15.32 -14.87
N GLU A 283 -8.92 14.52 -15.89
CA GLU A 283 -9.04 14.94 -17.28
C GLU A 283 -10.29 15.72 -17.69
N ASN A 284 -11.42 15.44 -17.07
CA ASN A 284 -12.64 16.11 -17.51
C ASN A 284 -13.05 17.18 -16.50
N GLU A 285 -14.25 17.76 -16.66
CA GLU A 285 -14.68 18.81 -15.77
C GLU A 285 -14.84 18.29 -14.35
N HIS A 286 -15.39 17.09 -14.22
CA HIS A 286 -15.55 16.45 -12.92
C HIS A 286 -14.78 15.15 -12.86
N ALA A 287 -14.35 14.79 -11.66
CA ALA A 287 -13.67 13.53 -11.44
C ALA A 287 -14.67 12.38 -11.55
N ASN A 288 -14.23 11.25 -12.09
CA ASN A 288 -15.03 10.03 -11.98
C ASN A 288 -14.50 9.21 -10.81
N LEU A 289 -15.19 9.29 -9.70
CA LEU A 289 -14.84 8.53 -8.54
C LEU A 289 -16.03 7.73 -8.08
N ASP A 290 -16.78 7.23 -9.03
CA ASP A 290 -17.98 6.50 -8.70
C ASP A 290 -17.84 5.25 -7.84
N LEU A 291 -16.70 4.58 -7.91
CA LEU A 291 -16.50 3.38 -7.10
C LEU A 291 -16.55 3.69 -5.62
N LEU A 292 -16.27 4.94 -5.27
CA LEU A 292 -16.37 5.36 -3.88
C LEU A 292 -17.80 5.25 -3.35
N LYS A 293 -18.76 5.07 -4.24
CA LYS A 293 -20.17 4.85 -3.85
C LYS A 293 -20.33 3.51 -3.13
N PHE A 294 -19.33 2.64 -3.25
CA PHE A 294 -19.34 1.33 -2.59
C PHE A 294 -18.57 1.33 -1.28
N ALA A 295 -17.92 2.43 -0.97
CA ALA A 295 -16.81 2.41 -0.03
C ALA A 295 -17.16 2.46 1.45
N ASN A 296 -18.39 2.81 1.80
CA ASN A 296 -18.79 2.97 3.20
C ASN A 296 -18.05 4.10 3.94
N TYR A 297 -17.50 5.05 3.18
CA TYR A 297 -17.01 6.31 3.76
C TYR A 297 -18.16 7.31 3.70
N SER A 298 -18.30 8.16 4.71
CA SER A 298 -19.35 9.20 4.69
C SER A 298 -18.95 10.31 3.71
N GLU A 299 -19.93 11.09 3.30
CA GLU A 299 -19.68 12.16 2.33
C GLU A 299 -18.82 13.25 2.98
N LYS A 300 -18.93 13.38 4.28
CA LYS A 300 -18.14 14.33 4.98
C LYS A 300 -16.68 13.88 4.98
N PHE A 301 -16.44 12.64 5.35
CA PHE A 301 -15.10 12.08 5.37
C PHE A 301 -14.41 12.29 4.04
N ILE A 302 -15.12 11.95 2.97
CA ILE A 302 -14.58 12.04 1.63
C ILE A 302 -14.24 13.47 1.26
N LYS A 303 -15.10 14.42 1.63
CA LYS A 303 -14.81 15.80 1.27
C LYS A 303 -13.67 16.37 2.12
N GLU A 304 -13.37 15.72 3.24
CA GLU A 304 -12.24 16.17 4.07
C GLU A 304 -10.89 15.54 3.67
N HIS A 305 -10.93 14.39 3.00
CA HIS A 305 -9.69 13.69 2.70
C HIS A 305 -9.40 13.52 1.20
N VAL A 306 -10.39 13.83 0.37
CA VAL A 306 -10.25 13.73 -1.06
C VAL A 306 -10.52 15.08 -1.68
N HIS A 307 -9.55 15.64 -2.41
CA HIS A 307 -9.78 16.86 -3.13
C HIS A 307 -9.62 16.60 -4.61
N THR A 308 -10.51 17.13 -5.42
CA THR A 308 -10.46 16.91 -6.86
C THR A 308 -10.21 18.24 -7.55
N ILE A 309 -9.45 18.21 -8.62
CA ILE A 309 -9.13 19.40 -9.36
C ILE A 309 -8.75 18.96 -10.77
N SER A 310 -9.26 19.66 -11.79
CA SER A 310 -8.99 19.30 -13.17
C SER A 310 -7.55 19.64 -13.55
N LEU A 311 -7.05 19.01 -14.62
CA LEU A 311 -5.72 19.33 -15.12
C LEU A 311 -5.55 20.83 -15.40
N LEU A 312 -6.61 21.46 -15.89
CA LEU A 312 -6.55 22.88 -16.27
C LEU A 312 -6.44 23.78 -15.04
N ASP A 313 -7.30 23.54 -14.05
CA ASP A 313 -7.22 24.26 -12.79
C ASP A 313 -5.89 24.01 -12.08
N PHE A 314 -5.34 22.81 -12.24
CA PHE A 314 -4.10 22.49 -11.54
C PHE A 314 -2.88 23.18 -12.15
N PHE A 315 -2.83 23.22 -13.47
CA PHE A 315 -1.68 23.79 -14.18
C PHE A 315 -1.87 25.27 -14.50
N GLU A 316 -3.10 25.70 -14.75
CA GLU A 316 -3.39 27.12 -14.97
C GLU A 316 -4.46 27.63 -14.01
N PRO A 317 -4.14 27.68 -12.71
CA PRO A 317 -5.17 28.03 -11.73
C PRO A 317 -5.60 29.50 -11.88
N PRO A 318 -6.79 29.83 -11.39
CA PRO A 318 -7.23 31.24 -11.33
C PRO A 318 -6.34 32.02 -10.38
N THR A 319 -6.25 33.32 -10.55
CA THR A 319 -5.47 34.14 -9.63
C THR A 319 -6.41 34.64 -8.58
N LEU A 320 -5.90 35.15 -7.48
CA LEU A 320 -6.76 35.65 -6.44
C LEU A 320 -7.57 36.82 -6.95
N GLN A 321 -6.94 37.67 -7.72
CA GLN A 321 -7.62 38.83 -8.25
C GLN A 321 -8.79 38.40 -9.09
N GLU A 322 -8.61 37.40 -9.91
CA GLU A 322 -9.69 36.93 -10.77
C GLU A 322 -10.87 36.45 -9.95
N ILE A 323 -10.59 35.78 -8.84
CA ILE A 323 -11.64 35.19 -8.02
C ILE A 323 -12.42 36.27 -7.27
N GLN A 324 -11.69 37.20 -6.65
CA GLN A 324 -12.30 38.22 -5.81
C GLN A 324 -13.13 39.22 -6.60
N SER A 325 -12.72 39.47 -7.84
CA SER A 325 -13.46 40.34 -8.73
C SER A 325 -14.79 39.73 -9.17
N ARG A 326 -15.02 38.46 -8.86
CA ARG A 326 -16.36 37.90 -9.05
C ARG A 326 -17.10 37.75 -7.72
N PHE A 327 -16.35 37.76 -6.61
CA PHE A 327 -16.96 37.59 -5.31
C PHE A 327 -15.89 37.95 -4.29
N THR A 328 -16.30 38.81 -3.33
CA THR A 328 -15.57 38.98 -2.08
C THR A 328 -16.62 38.85 -0.97
N PRO A 329 -16.30 38.07 0.08
CA PRO A 329 -17.24 37.79 1.17
C PRO A 329 -17.75 39.03 1.90
N LEU A 330 -18.91 38.89 2.51
CA LEU A 330 -19.39 39.87 3.47
C LEU A 330 -18.65 39.61 4.78
N PRO A 331 -18.47 40.65 5.61
CA PRO A 331 -17.96 40.46 6.97
C PRO A 331 -18.81 39.40 7.68
N LYS A 332 -18.21 38.52 8.49
CA LYS A 332 -18.94 37.33 8.93
C LYS A 332 -20.06 37.65 9.90
N GLU A 333 -19.97 38.80 10.58
CA GLU A 333 -21.06 39.29 11.41
C GLU A 333 -22.29 39.56 10.55
N GLU A 334 -22.08 40.19 9.39
CA GLU A 334 -23.18 40.50 8.48
C GLU A 334 -23.71 39.24 7.80
N ALA A 335 -22.81 38.37 7.38
CA ALA A 335 -23.18 37.11 6.74
C ALA A 335 -23.96 36.19 7.69
N ARG A 336 -23.58 36.22 8.97
CA ARG A 336 -24.27 35.40 9.97
C ARG A 336 -25.71 35.87 10.15
N ALA A 337 -25.90 37.19 10.03
CA ALA A 337 -27.22 37.80 10.25
C ALA A 337 -28.16 37.64 9.07
N LEU A 338 -27.64 37.18 7.94
CA LEU A 338 -28.50 36.88 6.80
C LEU A 338 -29.46 35.75 7.14
N LYS A 339 -30.69 35.84 6.62
CA LYS A 339 -31.62 34.73 6.73
C LYS A 339 -32.47 34.64 5.47
N GLY A 340 -33.28 33.59 5.38
CA GLY A 340 -34.16 33.41 4.24
C GLY A 340 -33.43 33.05 2.97
N GLY A 341 -33.94 33.54 1.84
CA GLY A 341 -33.37 33.27 0.53
C GLY A 341 -32.08 34.03 0.28
N LYS A 342 -31.88 35.14 0.99
CA LYS A 342 -30.65 35.92 0.87
C LYS A 342 -29.47 35.16 1.48
N LYS A 343 -29.72 34.42 2.55
CA LYS A 343 -28.70 33.61 3.20
C LYS A 343 -28.33 32.44 2.32
N ASN A 344 -29.32 31.86 1.68
CA ASN A 344 -29.05 30.73 0.81
C ASN A 344 -28.37 31.19 -0.46
N SER A 345 -28.78 32.32 -0.98
CA SER A 345 -28.18 32.89 -2.18
C SER A 345 -26.69 33.20 -1.97
N TYR A 346 -26.39 33.71 -0.78
CA TYR A 346 -25.04 34.15 -0.48
C TYR A 346 -24.09 32.97 -0.23
N TYR A 347 -24.56 31.98 0.53
CA TYR A 347 -23.69 30.86 0.88
C TYR A 347 -23.40 29.98 -0.35
N ARG A 348 -24.32 29.94 -1.30
CA ARG A 348 -24.05 29.26 -2.56
C ARG A 348 -22.88 29.95 -3.29
N LYS A 349 -22.87 31.29 -3.27
CA LYS A 349 -21.73 32.02 -3.81
C LYS A 349 -20.48 31.81 -2.95
N LEU A 350 -20.68 31.63 -1.65
CA LEU A 350 -19.54 31.47 -0.74
C LEU A 350 -18.90 30.08 -0.89
N ARG A 351 -19.72 29.08 -1.22
CA ARG A 351 -19.18 27.75 -1.50
C ARG A 351 -18.38 27.74 -2.81
N TRP A 352 -18.86 28.45 -3.83
CA TRP A 352 -18.06 28.62 -5.04
C TRP A 352 -16.73 29.27 -4.72
N TYR A 353 -16.78 30.28 -3.84
CA TYR A 353 -15.59 31.00 -3.44
C TYR A 353 -14.60 30.08 -2.73
N ASN A 354 -15.12 29.17 -1.90
CA ASN A 354 -14.26 28.28 -1.14
C ASN A 354 -13.65 27.18 -2.02
N THR A 355 -14.39 26.76 -3.04
CA THR A 355 -13.88 25.84 -4.03
C THR A 355 -12.67 26.47 -4.72
N GLN A 356 -12.80 27.73 -5.12
CA GLN A 356 -11.72 28.44 -5.77
C GLN A 356 -10.54 28.65 -4.84
N TRP A 357 -10.84 28.90 -3.59
CA TRP A 357 -9.81 29.11 -2.58
C TRP A 357 -9.01 27.86 -2.34
N GLN A 358 -9.69 26.74 -2.26
CA GLN A 358 -9.05 25.43 -2.11
C GLN A 358 -8.08 25.18 -3.29
N ILE A 359 -8.47 25.56 -4.50
CA ILE A 359 -7.62 25.41 -5.68
C ILE A 359 -6.35 26.22 -5.52
N LEU A 360 -6.47 27.43 -4.96
CA LEU A 360 -5.30 28.26 -4.68
C LEU A 360 -4.36 27.57 -3.70
N GLU A 361 -4.94 26.96 -2.67
CA GLU A 361 -4.15 26.27 -1.66
C GLU A 361 -3.42 25.06 -2.27
N LEU A 362 -4.10 24.33 -3.15
CA LEU A 362 -3.54 23.11 -3.72
C LEU A 362 -2.50 23.37 -4.80
N THR A 363 -2.47 24.58 -5.36
CA THR A 363 -1.67 24.84 -6.55
C THR A 363 -0.57 25.89 -6.37
N GLY A 364 -0.36 26.35 -5.16
CA GLY A 364 0.59 27.43 -4.98
C GLY A 364 2.01 26.91 -4.93
N GLU A 365 2.61 27.07 -3.77
CA GLU A 365 3.95 26.58 -3.54
C GLU A 365 3.83 25.40 -2.58
N PHE A 366 2.65 24.81 -2.58
CA PHE A 366 2.43 23.58 -1.84
C PHE A 366 3.18 22.43 -2.51
N LEU A 367 3.93 21.67 -1.72
CA LEU A 367 4.64 20.52 -2.24
C LEU A 367 4.05 19.26 -1.65
N TYR A 368 3.91 18.21 -2.46
CA TYR A 368 3.23 17.00 -2.02
C TYR A 368 4.21 15.91 -1.56
N ASP A 369 3.69 14.88 -0.91
CA ASP A 369 4.51 13.84 -0.30
C ASP A 369 4.70 12.59 -1.17
N GLY A 370 4.20 12.63 -2.40
CA GLY A 370 4.26 11.47 -3.28
C GLY A 370 3.31 11.63 -4.45
N LEU A 371 3.62 10.92 -5.53
CA LEU A 371 2.81 10.96 -6.75
C LEU A 371 2.51 9.54 -7.19
N VAL A 372 1.24 9.20 -7.28
CA VAL A 372 0.83 7.87 -7.75
C VAL A 372 -0.10 8.05 -8.94
N MET A 373 0.09 7.24 -9.97
CA MET A 373 -0.61 7.47 -11.22
C MET A 373 -1.10 6.18 -11.85
N ALA A 374 -2.36 6.21 -12.26
CA ALA A 374 -2.91 5.16 -13.08
C ALA A 374 -3.76 5.84 -14.16
N THR A 375 -3.08 6.30 -15.20
CA THR A 375 -3.73 7.05 -16.28
C THR A 375 -3.18 6.54 -17.61
N THR A 376 -3.93 6.72 -18.69
CA THR A 376 -3.40 6.36 -20.02
C THR A 376 -3.03 7.58 -20.83
N LEU A 377 -2.96 8.74 -20.20
CA LEU A 377 -2.40 9.94 -20.81
C LEU A 377 -0.92 9.73 -21.12
N HIS A 378 -0.36 10.54 -22.02
CA HIS A 378 1.05 10.44 -22.37
C HIS A 378 1.98 10.78 -21.21
N LEU A 379 2.59 9.79 -20.58
CA LEU A 379 3.41 10.04 -19.39
C LEU A 379 4.70 10.91 -19.58
N PRO A 380 5.45 10.74 -20.68
CA PRO A 380 6.70 11.52 -20.78
C PRO A 380 6.48 13.02 -20.77
N THR A 381 5.31 13.44 -21.21
CA THR A 381 5.03 14.85 -21.38
C THR A 381 4.17 15.37 -20.21
N LEU A 382 3.84 14.48 -19.29
CA LEU A 382 2.96 14.80 -18.17
C LEU A 382 3.66 14.66 -16.81
N VAL A 383 4.38 13.56 -16.59
CA VAL A 383 5.05 13.31 -15.31
C VAL A 383 6.05 14.39 -14.90
N PRO A 384 6.88 14.90 -15.83
CA PRO A 384 7.79 15.98 -15.40
C PRO A 384 7.06 17.23 -14.90
N LYS A 385 5.94 17.59 -15.52
CA LYS A 385 5.16 18.74 -15.05
C LYS A 385 4.57 18.51 -13.66
N LEU A 386 3.97 17.34 -13.44
CA LEU A 386 3.42 16.98 -12.13
C LEU A 386 4.49 16.97 -11.04
N ALA A 387 5.69 16.53 -11.38
CA ALA A 387 6.76 16.35 -10.39
C ALA A 387 7.32 17.68 -9.89
N GLU A 388 6.96 18.77 -10.51
CA GLU A 388 7.41 20.06 -10.06
C GLU A 388 6.79 20.37 -8.71
N LYS A 389 5.66 19.76 -8.43
CA LYS A 389 4.98 19.99 -7.17
C LYS A 389 5.22 18.93 -6.14
N ILE A 390 6.18 18.08 -6.37
CA ILE A 390 6.52 17.04 -5.40
C ILE A 390 7.81 17.42 -4.68
N HIS A 391 7.81 17.28 -3.35
CA HIS A 391 8.98 17.58 -2.55
C HIS A 391 10.18 16.66 -2.88
N GLY A 392 11.39 17.14 -2.61
CA GLY A 392 12.57 16.33 -2.73
C GLY A 392 12.47 15.10 -1.84
N SER A 393 13.01 14.00 -2.33
CA SER A 393 13.09 12.70 -1.62
C SER A 393 11.76 11.92 -1.63
N ARG A 394 10.74 12.38 -2.34
CA ARG A 394 9.47 11.65 -2.33
C ARG A 394 9.34 10.70 -3.52
N PRO A 395 8.65 9.57 -3.30
CA PRO A 395 8.50 8.57 -4.37
C PRO A 395 7.52 9.00 -5.45
N ILE A 396 7.80 8.54 -6.66
CA ILE A 396 6.87 8.64 -7.78
C ILE A 396 6.60 7.24 -8.29
N VAL A 397 5.33 6.86 -8.38
CA VAL A 397 4.98 5.55 -8.91
C VAL A 397 3.93 5.66 -10.02
N CYS A 398 4.30 5.28 -11.24
CA CYS A 398 3.36 5.23 -12.35
C CYS A 398 3.03 3.79 -12.68
N TYR A 399 1.75 3.43 -12.61
CA TYR A 399 1.29 2.11 -13.02
C TYR A 399 1.04 2.13 -14.51
N GLY A 400 1.41 1.05 -15.19
CA GLY A 400 1.11 0.92 -16.60
C GLY A 400 0.78 -0.51 -16.94
N GLN A 401 -0.25 -0.71 -17.75
CA GLN A 401 -0.60 -2.03 -18.26
C GLN A 401 0.50 -2.60 -19.16
N PHE A 402 1.17 -1.71 -19.89
CA PHE A 402 2.15 -2.09 -20.91
C PHE A 402 3.55 -1.57 -20.57
N LYS A 403 4.52 -2.47 -20.62
CA LYS A 403 5.88 -2.15 -20.22
C LYS A 403 6.53 -1.13 -21.17
N GLU A 404 6.14 -1.16 -22.44
CA GLU A 404 6.76 -0.31 -23.45
C GLU A 404 6.49 1.18 -23.19
N THR A 405 5.31 1.45 -22.68
CA THR A 405 4.88 2.76 -22.21
C THR A 405 5.81 3.33 -21.14
N LEU A 406 6.09 2.50 -20.14
CA LEU A 406 6.96 2.86 -19.03
C LEU A 406 8.43 2.97 -19.47
N LEU A 407 8.82 2.15 -20.46
CA LEU A 407 10.17 2.19 -21.00
C LEU A 407 10.44 3.56 -21.62
N GLU A 408 9.49 4.04 -22.41
CA GLU A 408 9.60 5.37 -22.99
C GLU A 408 9.70 6.44 -21.89
N LEU A 409 8.86 6.33 -20.86
CA LEU A 409 8.90 7.26 -19.75
C LEU A 409 10.27 7.24 -19.06
N ALA A 410 10.78 6.03 -18.80
CA ALA A 410 12.05 5.90 -18.06
C ALA A 410 13.19 6.56 -18.81
N HIS A 411 13.25 6.36 -20.13
CA HIS A 411 14.31 7.03 -20.91
C HIS A 411 14.19 8.56 -20.87
N THR A 412 12.96 9.05 -20.88
CA THR A 412 12.70 10.48 -20.75
C THR A 412 13.20 11.03 -19.43
N LEU A 413 12.89 10.32 -18.35
CA LEU A 413 13.25 10.77 -17.02
C LEU A 413 14.75 10.70 -16.77
N TYR A 414 15.41 9.76 -17.46
CA TYR A 414 16.87 9.61 -17.36
C TYR A 414 17.61 10.92 -17.70
N SER A 415 17.07 11.67 -18.65
CA SER A 415 17.62 12.95 -19.08
C SER A 415 17.38 14.10 -18.08
N ASP A 416 16.53 13.87 -17.10
CA ASP A 416 16.08 14.95 -16.23
C ASP A 416 16.62 14.68 -14.85
N LEU A 417 17.51 15.54 -14.39
CA LEU A 417 18.20 15.30 -13.12
C LEU A 417 17.29 15.44 -11.90
N ARG A 418 16.01 15.79 -12.10
CA ARG A 418 15.08 15.84 -10.98
C ARG A 418 14.54 14.46 -10.60
N PHE A 419 14.97 13.43 -11.32
CA PHE A 419 14.51 12.06 -11.06
C PHE A 419 15.66 11.11 -10.80
N LEU A 420 15.60 10.42 -9.65
CA LEU A 420 16.65 9.47 -9.27
C LEU A 420 16.35 8.04 -9.71
N ALA A 421 17.19 7.51 -10.61
CA ALA A 421 17.20 6.09 -10.98
C ALA A 421 15.82 5.47 -11.24
N PRO A 422 15.14 5.89 -12.32
CA PRO A 422 13.85 5.26 -12.64
C PRO A 422 14.00 3.77 -12.95
N SER A 423 13.09 2.98 -12.39
CA SER A 423 13.13 1.53 -12.48
C SER A 423 11.77 1.02 -12.89
N ILE A 424 11.78 0.03 -13.78
CA ILE A 424 10.57 -0.63 -14.17
C ILE A 424 10.49 -1.92 -13.41
N LEU A 425 9.42 -2.07 -12.63
CA LEU A 425 9.26 -3.25 -11.81
C LEU A 425 8.05 -4.06 -12.24
N GLU A 426 8.12 -5.34 -11.94
CA GLU A 426 7.05 -6.27 -12.27
C GLU A 426 6.86 -7.18 -11.06
N THR A 427 5.61 -7.39 -10.65
CA THR A 427 5.35 -8.43 -9.65
C THR A 427 4.21 -9.32 -10.13
N ARG A 428 4.37 -10.62 -9.97
CA ARG A 428 3.39 -11.59 -10.45
C ARG A 428 3.14 -12.61 -9.36
N CYS A 429 1.87 -12.88 -9.10
CA CYS A 429 1.47 -13.90 -8.14
C CYS A 429 1.08 -15.17 -8.85
N ARG A 430 1.60 -16.32 -8.40
CA ARG A 430 1.10 -17.59 -8.90
C ARG A 430 0.61 -18.45 -7.74
N PRO A 431 -0.72 -18.65 -7.64
CA PRO A 431 -1.27 -19.46 -6.56
C PRO A 431 -1.07 -20.95 -6.80
N TYR A 432 -1.03 -21.72 -5.71
CA TYR A 432 -1.01 -23.16 -5.79
C TYR A 432 -2.37 -23.77 -5.42
N GLN A 433 -2.66 -24.90 -6.05
CA GLN A 433 -3.69 -25.79 -5.54
C GLN A 433 -3.16 -26.25 -4.20
N SER A 434 -3.85 -25.88 -3.13
CA SER A 434 -3.26 -25.97 -1.81
C SER A 434 -3.79 -27.16 -1.03
N ILE A 435 -4.02 -28.26 -1.75
CA ILE A 435 -4.51 -29.48 -1.14
C ILE A 435 -3.35 -30.39 -0.80
N ARG A 436 -3.26 -30.79 0.47
CA ARG A 436 -2.18 -31.68 0.89
C ARG A 436 -2.20 -32.96 0.07
N GLY A 437 -1.04 -33.34 -0.46
CA GLY A 437 -0.93 -34.54 -1.25
C GLY A 437 -1.24 -34.34 -2.72
N LYS A 438 -1.45 -33.09 -3.11
CA LYS A 438 -1.65 -32.77 -4.51
C LYS A 438 -1.26 -31.31 -4.76
N LEU A 439 -0.06 -30.93 -4.33
CA LEU A 439 0.41 -29.57 -4.46
C LEU A 439 1.01 -29.30 -5.82
N HIS A 440 0.48 -28.28 -6.49
CA HIS A 440 1.10 -27.76 -7.71
C HIS A 440 0.52 -26.40 -8.00
N PRO A 441 1.21 -25.59 -8.81
CA PRO A 441 0.62 -24.29 -9.11
C PRO A 441 -0.68 -24.46 -9.90
N LEU A 442 -1.57 -23.48 -9.90
CA LEU A 442 -2.75 -23.52 -10.78
C LEU A 442 -2.33 -23.78 -12.22
N MET A 443 -3.05 -24.66 -12.91
CA MET A 443 -2.71 -25.01 -14.30
C MET A 443 -2.91 -23.86 -15.27
N THR A 444 -3.97 -23.09 -15.07
CA THR A 444 -4.23 -21.96 -15.94
C THR A 444 -4.66 -20.80 -15.07
N MET A 445 -4.43 -19.60 -15.56
CA MET A 445 -4.88 -18.42 -14.86
C MET A 445 -4.84 -17.28 -15.83
N LYS A 446 -5.31 -16.12 -15.38
CA LYS A 446 -5.34 -14.92 -16.20
C LYS A 446 -3.91 -14.36 -16.38
N GLY A 447 -3.58 -13.91 -17.59
CA GLY A 447 -2.32 -13.21 -17.80
C GLY A 447 -2.42 -11.74 -17.43
N GLY A 448 -1.35 -10.96 -17.61
CA GLY A 448 -1.38 -9.55 -17.31
C GLY A 448 -1.04 -9.17 -15.87
N GLY A 449 -1.51 -8.01 -15.41
CA GLY A 449 -1.19 -7.53 -14.08
C GLY A 449 -0.38 -6.23 -14.09
N GLY A 450 0.12 -5.86 -15.26
CA GLY A 450 0.80 -4.57 -15.41
C GLY A 450 2.18 -4.42 -14.78
N TYR A 451 2.65 -3.17 -14.74
CA TYR A 451 4.04 -2.82 -14.41
C TYR A 451 4.06 -1.53 -13.64
N LEU A 452 5.10 -1.33 -12.84
CA LEU A 452 5.28 -0.09 -12.13
C LEU A 452 6.59 0.60 -12.56
N MET A 453 6.52 1.90 -12.75
CA MET A 453 7.72 2.71 -12.84
C MET A 453 7.88 3.41 -11.50
N TRP A 454 8.98 3.10 -10.82
CA TRP A 454 9.31 3.71 -9.54
C TRP A 454 10.53 4.63 -9.66
N CYS A 455 10.46 5.82 -9.08
CA CYS A 455 11.65 6.65 -8.92
C CYS A 455 11.43 7.64 -7.78
N HIS A 456 12.43 8.47 -7.52
CA HIS A 456 12.34 9.45 -6.43
C HIS A 456 12.60 10.82 -6.99
N ARG A 457 11.85 11.80 -6.51
CA ARG A 457 12.09 13.18 -6.84
C ARG A 457 13.33 13.63 -6.08
N VAL A 458 14.26 14.28 -6.78
CA VAL A 458 15.46 14.78 -6.12
C VAL A 458 15.79 16.16 -6.61
N ILE A 459 16.71 16.83 -5.92
CA ILE A 459 17.04 18.21 -6.25
C ILE A 459 18.48 18.30 -6.69
N PRO A 460 18.70 18.58 -7.99
CA PRO A 460 20.05 18.63 -8.57
C PRO A 460 20.91 19.66 -7.86
N ALA A 461 22.22 19.41 -7.81
CA ALA A 461 23.17 20.41 -7.27
C ALA A 461 23.51 21.46 -8.33
N PRO A 462 23.71 22.71 -7.90
CA PRO A 462 24.19 23.79 -8.78
C PRO A 462 25.57 23.48 -9.38
N ASN B 4 8.93 7.79 14.88
CA ASN B 4 9.75 7.18 13.85
C ASN B 4 10.29 8.22 12.86
N CYS B 5 11.61 8.20 12.61
CA CYS B 5 12.18 9.03 11.56
C CYS B 5 11.81 8.48 10.17
N PHE B 6 11.23 7.28 10.16
CA PHE B 6 10.66 6.70 8.94
C PHE B 6 9.28 7.28 8.60
N SER B 7 8.62 7.83 9.61
CA SER B 7 7.26 8.33 9.46
C SER B 7 7.21 9.85 9.30
N GLY B 8 6.19 10.33 8.61
CA GLY B 8 6.09 11.74 8.32
C GLY B 8 7.04 12.18 7.21
N TYR B 9 7.06 13.48 6.97
CA TYR B 9 7.78 13.98 5.83
C TYR B 9 8.59 15.20 6.21
N LYS B 10 9.90 15.00 6.32
CA LYS B 10 10.81 16.07 6.74
C LYS B 10 11.15 17.00 5.58
N ASP B 11 11.43 18.26 5.91
CA ASP B 11 11.75 19.22 4.87
C ASP B 11 13.27 19.33 4.71
N LEU B 12 13.95 19.74 5.77
CA LEU B 12 15.37 20.02 5.72
C LEU B 12 16.16 19.01 6.53
N ILE B 13 17.34 18.67 6.03
CA ILE B 13 18.25 17.78 6.74
C ILE B 13 18.84 18.49 7.94
N LYS B 14 18.69 17.89 9.12
CA LYS B 14 19.13 18.48 10.38
C LYS B 14 20.21 17.64 11.01
N GLU B 15 21.10 18.30 11.77
CA GLU B 15 22.12 17.59 12.53
C GLU B 15 21.46 16.57 13.43
N GLY B 16 22.02 15.36 13.49
CA GLY B 16 21.40 14.28 14.24
C GLY B 16 20.40 13.41 13.48
N ASP B 17 19.93 13.87 12.33
CA ASP B 17 19.02 13.05 11.52
C ASP B 17 19.68 11.78 10.99
N LEU B 18 18.97 10.67 11.06
CA LEU B 18 19.33 9.48 10.30
C LEU B 18 18.89 9.67 8.84
N THR B 19 19.84 9.58 7.92
CA THR B 19 19.55 9.67 6.50
C THR B 19 19.94 8.38 5.78
N LEU B 20 19.43 8.22 4.56
CA LEU B 20 19.89 7.17 3.68
C LEU B 20 20.58 7.84 2.51
N ILE B 21 21.88 7.58 2.36
CA ILE B 21 22.62 8.23 1.30
C ILE B 21 22.71 7.28 0.12
N TRP B 22 22.10 7.69 -0.98
CA TRP B 22 22.09 6.91 -2.21
C TRP B 22 23.38 7.16 -2.98
N VAL B 23 24.22 6.14 -3.10
CA VAL B 23 25.47 6.25 -3.87
C VAL B 23 25.26 5.70 -5.28
N SER B 24 24.62 4.55 -5.35
CA SER B 24 24.24 3.95 -6.63
C SER B 24 23.07 3.02 -6.37
N ARG B 25 22.53 2.42 -7.40
CA ARG B 25 21.41 1.54 -7.25
C ARG B 25 21.61 0.39 -6.30
N ASP B 26 22.83 -0.05 -6.15
CA ASP B 26 23.09 -1.18 -5.28
C ASP B 26 23.92 -0.76 -4.06
N ASN B 27 23.92 0.53 -3.78
CA ASN B 27 24.75 1.08 -2.71
C ASN B 27 24.08 2.26 -2.01
N ILE B 28 23.36 1.94 -0.96
CA ILE B 28 22.59 2.91 -0.20
C ILE B 28 23.02 2.76 1.24
N LYS B 29 23.51 3.84 1.83
CA LYS B 29 24.11 3.77 3.16
C LYS B 29 23.34 4.59 4.20
N PRO B 30 23.05 3.98 5.34
CA PRO B 30 22.47 4.73 6.47
C PRO B 30 23.53 5.60 7.13
N VAL B 31 23.31 6.91 7.20
CA VAL B 31 24.30 7.83 7.76
C VAL B 31 23.63 8.85 8.68
N ARG B 32 24.10 8.93 9.91
CA ARG B 32 23.60 9.92 10.86
C ARG B 32 24.38 11.22 10.71
N MET B 33 23.69 12.30 10.44
CA MET B 33 24.31 13.59 10.25
C MET B 33 24.98 14.16 11.49
N HIS B 34 26.24 14.52 11.32
CA HIS B 34 27.03 15.12 12.39
C HIS B 34 27.98 16.12 11.75
N SER B 35 27.94 17.37 12.21
CA SER B 35 28.63 18.46 11.52
C SER B 35 30.14 18.25 11.31
N GLU B 36 30.77 17.45 12.15
CA GLU B 36 32.22 17.27 12.03
C GLU B 36 32.60 15.95 11.35
N GLU B 37 31.61 15.21 10.87
CA GLU B 37 31.93 13.96 10.20
C GLU B 37 31.94 14.09 8.68
N VAL B 38 32.50 13.07 8.03
CA VAL B 38 32.64 13.05 6.59
C VAL B 38 32.17 11.68 6.06
N PHE B 39 31.41 11.70 4.98
CA PHE B 39 30.97 10.46 4.35
C PHE B 39 31.89 10.10 3.19
N ASN B 40 32.41 8.89 3.19
CA ASN B 40 33.31 8.46 2.12
C ASN B 40 32.76 7.47 1.11
N THR B 41 33.12 7.67 -0.15
CA THR B 41 32.71 6.81 -1.25
C THR B 41 33.95 6.47 -2.05
N ARG B 42 33.90 5.43 -2.87
CA ARG B 42 35.06 5.12 -3.72
C ARG B 42 35.32 6.24 -4.73
N TYR B 43 34.48 7.29 -4.72
CA TYR B 43 34.62 8.39 -5.66
C TYR B 43 34.94 9.73 -5.00
N GLY B 44 34.97 9.75 -3.67
CA GLY B 44 35.24 11.01 -3.00
C GLY B 44 34.69 11.09 -1.58
N SER B 45 34.99 12.20 -0.92
CA SER B 45 34.60 12.42 0.46
C SER B 45 33.57 13.53 0.54
N PHE B 46 32.50 13.29 1.29
CA PHE B 46 31.40 14.25 1.38
C PHE B 46 31.19 14.69 2.83
N PRO B 47 31.67 15.89 3.16
CA PRO B 47 31.52 16.41 4.52
C PRO B 47 30.05 16.63 4.89
N HIS B 48 29.62 16.17 6.06
CA HIS B 48 28.25 16.35 6.50
C HIS B 48 27.83 17.82 6.61
N LYS B 49 28.78 18.71 6.86
CA LYS B 49 28.47 20.11 7.05
C LYS B 49 28.02 20.75 5.75
N ASP B 50 28.35 20.11 4.64
CA ASP B 50 27.91 20.56 3.32
C ASP B 50 26.61 19.88 2.92
N ILE B 51 26.01 19.13 3.85
CA ILE B 51 24.74 18.47 3.62
C ILE B 51 23.64 19.01 4.55
N ILE B 52 23.93 18.98 5.86
CA ILE B 52 23.07 19.58 6.89
C ILE B 52 22.57 20.95 6.50
N GLY B 53 21.25 21.17 6.62
CA GLY B 53 20.66 22.43 6.21
C GLY B 53 20.07 22.42 4.81
N LYS B 54 20.42 21.43 3.99
CA LYS B 54 19.85 21.33 2.65
C LYS B 54 18.55 20.52 2.69
N PRO B 55 17.68 20.70 1.68
CA PRO B 55 16.45 19.91 1.57
C PRO B 55 16.71 18.42 1.39
N TYR B 56 15.87 17.59 2.02
CA TYR B 56 15.85 16.17 1.72
C TYR B 56 15.63 15.94 0.23
N GLY B 57 16.34 14.96 -0.32
CA GLY B 57 16.34 14.73 -1.75
C GLY B 57 17.43 15.49 -2.48
N SER B 58 18.27 16.20 -1.74
CA SER B 58 19.34 16.99 -2.37
C SER B 58 20.41 16.10 -3.01
N GLN B 59 20.76 16.40 -4.24
CA GLN B 59 21.99 15.90 -4.81
C GLN B 59 23.17 16.68 -4.22
N ILE B 60 24.16 15.98 -3.69
CA ILE B 60 25.32 16.66 -3.13
C ILE B 60 26.55 16.41 -4.01
N ALA B 61 27.20 17.49 -4.41
CA ALA B 61 28.34 17.41 -5.33
C ALA B 61 29.64 17.87 -4.69
N ILE B 62 30.73 17.17 -5.03
CA ILE B 62 32.09 17.58 -4.69
C ILE B 62 32.91 17.62 -5.98
N ARG B 63 33.98 18.42 -6.02
CA ARG B 63 34.77 18.55 -7.26
C ARG B 63 35.85 17.47 -7.35
N THR B 64 36.06 16.96 -8.56
CA THR B 64 36.99 15.87 -8.88
C THR B 64 36.91 14.73 -7.86
N PHE B 70 33.60 16.10 -11.14
CA PHE B 70 32.61 16.08 -10.07
C PHE B 70 32.17 14.66 -9.67
N ALA B 71 31.86 14.48 -8.38
CA ALA B 71 31.26 13.24 -7.90
C ALA B 71 29.99 13.59 -7.12
N PHE B 72 29.07 12.64 -6.98
CA PHE B 72 27.74 12.93 -6.42
C PHE B 72 27.22 11.86 -5.49
N VAL B 73 26.39 12.29 -4.54
CA VAL B 73 25.48 11.39 -3.83
C VAL B 73 24.11 12.08 -3.68
N HIS B 74 23.07 11.32 -3.33
CA HIS B 74 21.76 11.90 -3.01
C HIS B 74 21.40 11.52 -1.60
N VAL B 75 20.88 12.48 -0.85
CA VAL B 75 20.59 12.26 0.56
C VAL B 75 19.09 12.18 0.75
N LEU B 76 18.60 11.02 1.19
CA LEU B 76 17.16 10.75 1.24
C LEU B 76 16.67 10.48 2.66
N GLN B 77 15.38 10.75 2.88
CA GLN B 77 14.78 10.44 4.16
C GLN B 77 14.55 8.94 4.22
N PRO B 78 14.83 8.30 5.36
CA PRO B 78 14.59 6.86 5.47
C PRO B 78 13.14 6.46 5.18
N THR B 79 13.01 5.28 4.62
CA THR B 79 11.78 4.71 4.16
C THR B 79 11.95 3.22 4.33
N PRO B 80 10.92 2.45 4.58
CA PRO B 80 11.17 1.00 4.67
C PRO B 80 11.72 0.40 3.37
N GLU B 81 11.24 0.82 2.22
CA GLU B 81 11.69 0.28 0.96
C GLU B 81 13.17 0.48 0.76
N LEU B 82 13.61 1.69 1.01
CA LEU B 82 15.00 2.08 0.86
C LEU B 82 15.87 1.44 1.92
N TRP B 83 15.37 1.31 3.13
CA TRP B 83 16.08 0.71 4.21
C TRP B 83 16.33 -0.75 3.87
N THR B 84 15.31 -1.40 3.32
CA THR B 84 15.43 -2.80 2.95
C THR B 84 16.52 -2.98 1.88
N LEU B 85 16.62 -2.03 0.95
CA LEU B 85 17.63 -2.12 -0.10
C LEU B 85 19.04 -1.88 0.44
N SER B 86 19.13 -1.27 1.61
CA SER B 86 20.41 -0.92 2.21
C SER B 86 20.99 -2.05 3.07
N LEU B 87 20.18 -3.06 3.39
CA LEU B 87 20.64 -4.16 4.23
C LEU B 87 21.55 -5.12 3.45
N PRO B 88 22.45 -5.84 4.15
CA PRO B 88 23.38 -6.81 3.54
C PRO B 88 22.69 -7.77 2.56
N HIS B 89 23.28 -7.90 1.36
CA HIS B 89 22.59 -8.46 0.19
C HIS B 89 22.12 -9.92 0.25
N ARG B 90 22.93 -10.82 0.80
CA ARG B 90 22.61 -12.25 0.74
C ARG B 90 21.72 -12.73 1.91
N THR B 91 21.37 -11.80 2.79
CA THR B 91 20.74 -12.14 4.06
C THR B 91 19.32 -12.69 3.96
N GLN B 92 18.82 -13.17 5.10
CA GLN B 92 17.48 -13.73 5.21
C GLN B 92 16.49 -12.67 5.65
N ILE B 93 15.99 -11.90 4.69
CA ILE B 93 15.02 -10.86 4.96
C ILE B 93 13.89 -10.92 3.96
N VAL B 94 12.79 -10.25 4.27
CA VAL B 94 11.66 -10.20 3.37
C VAL B 94 11.76 -8.97 2.49
N TYR B 95 11.68 -9.16 1.17
CA TYR B 95 11.77 -8.03 0.27
C TYR B 95 10.40 -7.48 -0.10
N THR B 96 10.39 -6.31 -0.71
CA THR B 96 9.14 -5.59 -0.97
C THR B 96 8.08 -6.34 -1.81
N PRO B 97 8.47 -7.09 -2.88
CA PRO B 97 7.41 -7.86 -3.57
C PRO B 97 6.60 -8.79 -2.64
N ASP B 98 7.26 -9.60 -1.80
CA ASP B 98 6.55 -10.45 -0.84
C ASP B 98 5.76 -9.65 0.21
N SER B 99 6.43 -8.72 0.89
CA SER B 99 5.81 -8.04 2.02
C SER B 99 4.67 -7.13 1.58
N SER B 100 4.85 -6.39 0.47
CA SER B 100 3.77 -5.53 0.02
C SER B 100 2.54 -6.35 -0.37
N TYR B 101 2.74 -7.54 -0.95
CA TYR B 101 1.62 -8.42 -1.25
C TYR B 101 0.94 -8.97 0.00
N ILE B 102 1.74 -9.39 0.98
CA ILE B 102 1.21 -9.89 2.23
C ILE B 102 0.37 -8.81 2.95
N MET B 103 0.86 -7.59 2.98
CA MET B 103 0.14 -6.54 3.68
C MET B 103 -1.17 -6.20 3.00
N GLN B 104 -1.17 -6.26 1.67
CA GLN B 104 -2.36 -5.94 0.91
C GLN B 104 -3.40 -7.06 1.03
N ARG B 105 -2.99 -8.32 0.90
CA ARG B 105 -3.94 -9.41 1.00
C ARG B 105 -4.54 -9.53 2.42
N LEU B 106 -3.76 -9.21 3.44
CA LEU B 106 -4.26 -9.23 4.82
C LEU B 106 -4.90 -7.88 5.18
N ASN B 107 -5.01 -6.99 4.20
CA ASN B 107 -5.67 -5.69 4.33
C ASN B 107 -5.13 -4.77 5.44
N CYS B 108 -3.81 -4.65 5.54
CA CYS B 108 -3.20 -3.83 6.60
C CYS B 108 -3.58 -2.34 6.55
N SER B 109 -3.73 -1.77 7.75
CA SER B 109 -4.23 -0.41 7.94
C SER B 109 -4.05 -0.02 9.41
N PRO B 110 -4.41 1.21 9.81
CA PRO B 110 -4.34 1.50 11.25
C PRO B 110 -5.24 0.58 12.09
N HIS B 111 -6.21 -0.08 11.45
CA HIS B 111 -7.03 -1.06 12.14
C HIS B 111 -6.24 -2.32 12.51
N SER B 112 -5.09 -2.56 11.88
CA SER B 112 -4.40 -3.84 12.08
C SER B 112 -3.62 -3.90 13.40
N ARG B 113 -3.67 -5.03 14.04
CA ARG B 113 -2.91 -5.30 15.22
C ARG B 113 -2.18 -6.54 14.82
N VAL B 114 -0.88 -6.41 14.66
CA VAL B 114 -0.08 -7.53 14.18
C VAL B 114 0.91 -8.21 15.09
N ILE B 115 1.05 -9.48 14.83
CA ILE B 115 1.99 -10.34 15.49
C ILE B 115 2.99 -10.81 14.45
N GLU B 116 4.24 -10.51 14.67
CA GLU B 116 5.33 -10.95 13.80
C GLU B 116 6.36 -11.80 14.56
N ALA B 117 6.69 -12.98 14.04
CA ALA B 117 7.81 -13.78 14.56
C ALA B 117 8.48 -14.56 13.43
N GLY B 118 9.81 -14.52 13.31
CA GLY B 118 10.69 -13.75 14.17
C GLY B 118 11.00 -12.40 13.57
N THR B 119 11.66 -11.55 14.36
CA THR B 119 11.95 -10.19 13.92
C THR B 119 13.01 -10.15 12.82
N GLY B 120 14.01 -11.02 12.97
CA GLY B 120 15.16 -11.04 12.07
C GLY B 120 15.79 -9.67 11.97
N SER B 121 16.09 -9.23 10.76
CA SER B 121 16.76 -7.95 10.60
C SER B 121 15.79 -6.78 10.57
N GLY B 122 14.51 -7.04 10.80
CA GLY B 122 13.51 -5.97 10.91
C GLY B 122 13.09 -5.32 9.60
N SER B 123 13.35 -5.99 8.48
CA SER B 123 12.90 -5.51 7.18
C SER B 123 11.37 -5.40 7.12
N PHE B 124 10.67 -6.48 7.41
CA PHE B 124 9.25 -6.45 7.41
C PHE B 124 8.74 -5.56 8.53
N SER B 125 9.42 -5.57 9.66
CA SER B 125 8.99 -4.75 10.82
C SER B 125 8.76 -3.31 10.48
N HIS B 126 9.70 -2.72 9.75
CA HIS B 126 9.59 -1.33 9.41
C HIS B 126 8.41 -1.06 8.48
N ALA B 127 8.13 -2.01 7.58
CA ALA B 127 7.01 -1.83 6.65
C ALA B 127 5.68 -1.96 7.40
N PHE B 128 5.58 -2.95 8.29
CA PHE B 128 4.44 -3.06 9.20
C PHE B 128 4.19 -1.76 9.99
N ALA B 129 5.22 -1.30 10.69
CA ALA B 129 5.11 -0.16 11.59
C ALA B 129 4.59 1.10 10.91
N ARG B 130 4.90 1.27 9.62
CA ARG B 130 4.46 2.45 8.90
C ARG B 130 2.93 2.52 8.79
N SER B 131 2.29 1.36 8.72
CA SER B 131 0.89 1.28 8.30
C SER B 131 -0.11 0.91 9.40
N VAL B 132 0.40 0.30 10.46
CA VAL B 132 -0.40 -0.57 11.27
C VAL B 132 -0.72 0.04 12.65
N GLY B 133 -1.83 -0.39 13.27
CA GLY B 133 -2.20 0.12 14.58
C GLY B 133 -1.11 -0.18 15.61
N HIS B 134 -0.76 -1.44 15.74
CA HIS B 134 0.36 -1.80 16.60
C HIS B 134 1.07 -3.02 16.07
N LEU B 135 2.38 -3.07 16.30
CA LEU B 135 3.16 -4.26 15.93
C LEU B 135 3.75 -4.92 17.17
N PHE B 136 3.45 -6.21 17.35
CA PHE B 136 4.08 -7.02 18.38
C PHE B 136 5.06 -7.98 17.72
N SER B 137 6.34 -7.75 17.94
CA SER B 137 7.37 -8.50 17.24
C SER B 137 8.14 -9.39 18.24
N PHE B 138 8.43 -10.63 17.85
CA PHE B 138 9.08 -11.59 18.75
C PHE B 138 10.37 -12.14 18.15
N GLU B 139 11.44 -12.17 18.95
CA GLU B 139 12.73 -12.68 18.51
C GLU B 139 13.33 -13.65 19.53
N PHE B 140 13.66 -14.84 19.06
CA PHE B 140 14.20 -15.97 19.84
C PHE B 140 15.66 -15.76 20.30
N HIS B 141 16.50 -15.24 19.40
CA HIS B 141 17.93 -15.07 19.62
C HIS B 141 18.20 -13.81 20.42
N HIS B 142 18.85 -13.95 21.57
CA HIS B 142 18.97 -12.82 22.48
C HIS B 142 19.86 -11.70 21.94
N ILE B 143 20.92 -12.02 21.19
CA ILE B 143 21.75 -11.00 20.56
C ILE B 143 20.99 -10.24 19.47
N ARG B 144 20.23 -10.98 18.69
CA ARG B 144 19.40 -10.38 17.66
C ARG B 144 18.33 -9.52 18.33
N TYR B 145 17.70 -10.04 19.37
CA TYR B 145 16.71 -9.26 20.12
C TYR B 145 17.28 -7.92 20.58
N GLU B 146 18.47 -7.95 21.17
CA GLU B 146 19.07 -6.72 21.71
C GLU B 146 19.42 -5.72 20.61
N GLN B 147 19.95 -6.23 19.49
CA GLN B 147 20.23 -5.38 18.33
C GLN B 147 18.95 -4.75 17.75
N ALA B 148 17.91 -5.56 17.56
CA ALA B 148 16.65 -5.05 17.03
C ALA B 148 16.02 -4.03 18.00
N LEU B 149 16.06 -4.34 19.29
CA LEU B 149 15.55 -3.41 20.30
C LEU B 149 16.29 -2.06 20.23
N GLU B 150 17.62 -2.10 20.23
CA GLU B 150 18.41 -0.86 20.15
C GLU B 150 18.10 -0.05 18.89
N GLU B 151 18.00 -0.75 17.76
CA GLU B 151 17.71 -0.11 16.48
C GLU B 151 16.30 0.44 16.39
N PHE B 152 15.31 -0.37 16.79
CA PHE B 152 13.92 0.11 16.82
C PHE B 152 13.79 1.34 17.72
N LYS B 153 14.56 1.34 18.80
CA LYS B 153 14.58 2.45 19.75
C LYS B 153 15.11 3.71 19.09
N GLU B 154 16.29 3.58 18.50
CA GLU B 154 16.94 4.66 17.81
C GLU B 154 16.10 5.21 16.68
N HIS B 155 15.39 4.35 15.99
CA HIS B 155 14.57 4.78 14.88
C HIS B 155 13.28 5.44 15.33
N GLY B 156 12.90 5.25 16.58
CA GLY B 156 11.69 5.82 17.08
C GLY B 156 10.49 4.91 16.92
N LEU B 157 10.74 3.65 16.61
CA LEU B 157 9.66 2.69 16.41
C LEU B 157 9.06 2.30 17.76
N ILE B 158 9.93 2.06 18.74
CA ILE B 158 9.53 1.67 20.09
C ILE B 158 8.62 2.71 20.77
N ASP B 159 8.90 3.99 20.58
CA ASP B 159 8.07 5.01 21.21
C ASP B 159 6.86 5.38 20.37
N ASP B 160 6.58 4.60 19.32
CA ASP B 160 5.45 4.86 18.45
C ASP B 160 4.46 3.70 18.56
N ASN B 161 4.62 2.65 17.74
CA ASN B 161 3.61 1.59 17.70
C ASN B 161 4.20 0.21 17.60
N VAL B 162 5.43 0.05 18.05
CA VAL B 162 6.08 -1.24 17.95
C VAL B 162 6.52 -1.76 19.31
N THR B 163 6.25 -3.04 19.56
CA THR B 163 6.71 -3.73 20.74
C THR B 163 7.58 -4.90 20.29
N ILE B 164 8.74 -5.08 20.91
CA ILE B 164 9.52 -6.29 20.66
C ILE B 164 9.73 -7.06 21.96
N THR B 165 9.74 -8.37 21.84
CA THR B 165 9.79 -9.24 23.00
C THR B 165 10.76 -10.39 22.73
N HIS B 166 11.63 -10.67 23.70
CA HIS B 166 12.54 -11.80 23.60
C HIS B 166 11.80 -13.06 23.98
N ARG B 167 11.59 -13.95 23.01
CA ARG B 167 10.71 -15.08 23.21
C ARG B 167 10.98 -16.19 22.21
N ASP B 168 10.91 -17.44 22.68
CA ASP B 168 10.75 -18.56 21.78
C ASP B 168 9.23 -18.83 21.69
N VAL B 169 8.62 -18.42 20.59
CA VAL B 169 7.17 -18.49 20.42
C VAL B 169 6.64 -19.91 20.21
N CYS B 170 7.51 -20.81 19.73
CA CYS B 170 7.13 -22.20 19.55
C CYS B 170 7.03 -22.96 20.89
N GLN B 171 7.85 -22.56 21.82
CA GLN B 171 7.88 -23.17 23.11
C GLN B 171 7.11 -22.40 24.14
N GLY B 172 7.18 -21.08 24.11
CA GLY B 172 6.53 -20.24 25.11
C GLY B 172 5.34 -19.40 24.68
N GLY B 173 4.89 -19.55 23.44
CA GLY B 173 3.72 -18.82 22.98
C GLY B 173 3.94 -17.33 22.86
N PHE B 174 2.85 -16.56 22.85
CA PHE B 174 2.93 -15.15 22.49
C PHE B 174 2.52 -14.17 23.58
N LEU B 175 2.15 -14.67 24.76
CA LEU B 175 1.71 -13.78 25.84
C LEU B 175 2.84 -12.88 26.30
N ILE B 176 2.50 -11.63 26.60
CA ILE B 176 3.46 -10.69 27.15
C ILE B 176 3.04 -10.30 28.58
N LYS B 177 3.77 -10.79 29.58
CA LYS B 177 3.46 -10.51 30.98
C LYS B 177 4.56 -9.67 31.64
N LYS B 178 4.18 -8.91 32.66
CA LYS B 178 5.15 -8.12 33.41
C LYS B 178 6.20 -9.06 34.00
N GLY B 179 7.47 -8.73 33.80
CA GLY B 179 8.54 -9.66 34.14
C GLY B 179 9.21 -10.29 32.93
N ASP B 180 8.47 -10.41 31.82
CA ASP B 180 9.04 -10.89 30.55
C ASP B 180 10.08 -9.91 30.01
N THR B 181 11.00 -10.41 29.18
CA THR B 181 11.93 -9.53 28.48
C THR B 181 11.23 -8.92 27.27
N THR B 182 10.86 -7.65 27.39
CA THR B 182 10.07 -7.01 26.36
C THR B 182 10.23 -5.51 26.46
N SER B 183 9.89 -4.79 25.40
CA SER B 183 9.95 -3.33 25.43
C SER B 183 8.59 -2.76 25.85
N TYR B 184 7.61 -3.64 26.01
CA TYR B 184 6.23 -3.21 26.28
C TYR B 184 6.13 -2.36 27.54
N GLU B 185 5.47 -1.21 27.47
CA GLU B 185 5.25 -0.40 28.66
C GLU B 185 3.83 -0.69 29.19
N PHE B 186 3.78 -1.23 30.39
CA PHE B 186 2.51 -1.63 31.01
C PHE B 186 1.77 -0.43 31.57
N GLY B 187 0.49 -0.32 31.25
CA GLY B 187 -0.34 0.75 31.79
C GLY B 187 -0.75 0.52 33.23
N ASN B 188 -1.50 1.47 33.79
CA ASN B 188 -2.02 1.30 35.15
C ASN B 188 -2.91 0.08 35.28
N ASN B 189 -2.65 -0.71 36.32
CA ASN B 189 -3.33 -1.98 36.58
C ASN B 189 -3.08 -3.05 35.53
N GLU B 190 -2.22 -2.76 34.57
CA GLU B 190 -1.83 -3.74 33.55
C GLU B 190 -0.71 -4.66 34.00
N THR B 191 -1.00 -5.96 34.08
CA THR B 191 0.02 -6.96 34.38
C THR B 191 0.30 -7.86 33.16
N ALA B 192 -0.51 -7.70 32.12
CA ALA B 192 -0.30 -8.40 30.85
C ALA B 192 -0.79 -7.57 29.68
N ALA B 193 -0.06 -7.62 28.57
CA ALA B 193 -0.53 -6.99 27.35
C ALA B 193 -1.71 -7.78 26.80
N SER B 194 -2.67 -7.05 26.26
CA SER B 194 -3.76 -7.67 25.54
C SER B 194 -3.48 -7.49 24.04
N LEU B 195 -2.97 -8.55 23.40
CA LEU B 195 -2.48 -8.41 22.03
C LEU B 195 -3.64 -8.20 21.06
N ASN B 196 -4.66 -9.06 21.15
CA ASN B 196 -5.89 -8.89 20.37
C ASN B 196 -5.54 -8.76 18.88
N ALA B 197 -4.67 -9.65 18.42
CA ALA B 197 -4.12 -9.56 17.07
C ALA B 197 -5.15 -9.92 16.01
N ASN B 198 -5.30 -9.10 14.97
CA ASN B 198 -6.11 -9.53 13.83
C ASN B 198 -5.22 -9.85 12.60
N VAL B 199 -3.92 -9.59 12.69
CA VAL B 199 -2.96 -9.94 11.62
C VAL B 199 -1.75 -10.71 12.19
N VAL B 200 -1.42 -11.85 11.61
CA VAL B 200 -0.27 -12.65 12.07
C VAL B 200 0.66 -13.00 10.90
N PHE B 201 1.95 -12.72 11.04
CA PHE B 201 2.95 -13.14 10.04
C PHE B 201 4.02 -13.99 10.71
N LEU B 202 4.15 -15.24 10.30
CA LEU B 202 5.18 -16.13 10.85
C LEU B 202 6.31 -16.42 9.82
N ASP B 203 7.52 -15.99 10.16
CA ASP B 203 8.76 -16.29 9.43
C ASP B 203 9.71 -17.05 10.35
N LEU B 204 9.55 -18.37 10.38
CA LEU B 204 10.19 -19.24 11.37
C LEU B 204 10.50 -20.56 10.70
N PRO B 205 11.46 -21.33 11.26
CA PRO B 205 11.77 -22.65 10.70
C PRO B 205 10.61 -23.63 10.82
N ALA B 206 9.84 -23.53 11.91
CA ALA B 206 8.73 -24.44 12.12
C ALA B 206 7.49 -23.70 12.58
N PRO B 207 6.82 -23.02 11.63
CA PRO B 207 5.64 -22.21 11.97
C PRO B 207 4.51 -23.06 12.54
N TRP B 208 4.50 -24.34 12.18
CA TRP B 208 3.46 -25.24 12.69
C TRP B 208 3.58 -25.48 14.20
N ASP B 209 4.73 -25.17 14.79
CA ASP B 209 4.85 -25.26 16.23
C ASP B 209 4.35 -23.98 16.91
N ALA B 210 4.20 -22.90 16.15
CA ALA B 210 3.79 -21.63 16.74
C ALA B 210 2.30 -21.41 16.61
N ILE B 211 1.70 -22.00 15.57
CA ILE B 211 0.29 -21.83 15.27
C ILE B 211 -0.64 -22.25 16.43
N PRO B 212 -0.33 -23.36 17.14
CA PRO B 212 -1.21 -23.69 18.27
C PRO B 212 -1.28 -22.63 19.36
N HIS B 213 -0.21 -21.86 19.56
CA HIS B 213 -0.21 -20.80 20.57
C HIS B 213 -0.99 -19.53 20.21
N LEU B 214 -1.56 -19.46 19.00
CA LEU B 214 -2.15 -18.21 18.53
C LEU B 214 -3.54 -18.00 19.11
N ASP B 215 -4.21 -19.09 19.47
CA ASP B 215 -5.59 -19.00 19.97
C ASP B 215 -5.71 -18.14 21.24
N SER B 216 -4.63 -18.02 22.01
CA SER B 216 -4.62 -17.21 23.23
C SER B 216 -4.43 -15.71 23.01
N VAL B 217 -4.05 -15.31 21.80
CA VAL B 217 -3.68 -13.91 21.58
C VAL B 217 -4.40 -13.24 20.39
N ILE B 218 -5.11 -14.02 19.59
CA ILE B 218 -5.80 -13.40 18.46
C ILE B 218 -7.15 -12.82 18.90
N SER B 219 -7.64 -11.84 18.14
CA SER B 219 -8.97 -11.28 18.35
C SER B 219 -10.02 -12.38 18.24
N VAL B 220 -11.11 -12.27 19.02
CA VAL B 220 -12.10 -13.34 19.07
C VAL B 220 -13.39 -12.97 18.34
N ASP B 221 -13.54 -11.69 18.03
CA ASP B 221 -14.77 -11.19 17.41
C ASP B 221 -14.58 -10.63 16.02
N GLU B 222 -13.49 -10.99 15.35
CA GLU B 222 -13.32 -10.56 13.96
C GLU B 222 -12.48 -11.55 13.18
N LYS B 223 -12.55 -11.45 11.86
CA LYS B 223 -11.74 -12.30 11.01
C LYS B 223 -10.27 -11.98 11.25
N VAL B 224 -9.51 -13.01 11.52
CA VAL B 224 -8.08 -12.89 11.78
C VAL B 224 -7.32 -13.48 10.59
N GLY B 225 -6.35 -12.74 10.05
CA GLY B 225 -5.56 -13.23 8.93
C GLY B 225 -4.16 -13.65 9.33
N LEU B 226 -3.69 -14.73 8.71
CA LEU B 226 -2.37 -15.28 8.98
C LEU B 226 -1.63 -15.55 7.67
N CYS B 227 -0.34 -15.21 7.61
CA CYS B 227 0.54 -15.64 6.54
C CYS B 227 1.78 -16.35 7.11
N CYS B 228 2.05 -17.56 6.65
CA CYS B 228 3.30 -18.25 6.99
C CYS B 228 4.28 -18.29 5.80
N PHE B 229 5.53 -17.96 6.09
CA PHE B 229 6.60 -17.73 5.14
C PHE B 229 7.59 -18.90 5.22
N SER B 230 7.58 -19.81 4.26
CA SER B 230 8.45 -21.00 4.32
C SER B 230 9.15 -21.27 2.99
N PRO B 231 10.47 -21.54 3.04
CA PRO B 231 11.27 -21.77 1.82
C PRO B 231 11.00 -23.10 1.12
N CYS B 232 10.71 -24.19 1.86
CA CYS B 232 10.59 -25.52 1.24
C CYS B 232 9.15 -25.98 1.21
N ILE B 233 8.83 -26.78 0.19
CA ILE B 233 7.45 -27.16 0.03
C ILE B 233 7.02 -28.25 1.04
N GLU B 234 7.97 -28.96 1.65
CA GLU B 234 7.59 -29.91 2.70
C GLU B 234 7.21 -29.12 3.94
N GLN B 235 7.77 -27.92 4.09
CA GLN B 235 7.38 -27.04 5.18
C GLN B 235 5.95 -26.55 4.98
N VAL B 236 5.61 -26.22 3.74
CA VAL B 236 4.25 -25.82 3.40
C VAL B 236 3.28 -26.96 3.74
N ASP B 237 3.64 -28.17 3.35
CA ASP B 237 2.83 -29.33 3.66
C ASP B 237 2.55 -29.52 5.16
N LYS B 238 3.56 -29.37 6.01
CA LYS B 238 3.33 -29.47 7.46
C LYS B 238 2.42 -28.34 7.96
N THR B 239 2.53 -27.16 7.35
CA THR B 239 1.70 -26.02 7.74
C THR B 239 0.24 -26.25 7.39
N LEU B 240 -0.02 -26.79 6.20
CA LEU B 240 -1.38 -27.05 5.76
C LEU B 240 -2.08 -28.03 6.70
N ASP B 241 -1.32 -29.01 7.17
CA ASP B 241 -1.83 -30.00 8.12
C ASP B 241 -2.30 -29.34 9.42
N VAL B 242 -1.42 -28.57 10.05
CA VAL B 242 -1.72 -27.97 11.35
C VAL B 242 -2.74 -26.82 11.25
N LEU B 243 -2.76 -26.09 10.14
CA LEU B 243 -3.78 -25.05 9.96
C LEU B 243 -5.18 -25.67 9.97
N GLU B 244 -5.31 -26.81 9.31
CA GLU B 244 -6.58 -27.53 9.27
C GLU B 244 -6.99 -28.04 10.67
N LYS B 245 -6.04 -28.59 11.42
CA LYS B 245 -6.32 -29.10 12.76
C LYS B 245 -6.77 -28.00 13.72
N TYR B 246 -6.23 -26.80 13.58
CA TYR B 246 -6.56 -25.74 14.52
C TYR B 246 -7.63 -24.79 14.00
N GLY B 247 -8.38 -25.23 13.01
CA GLY B 247 -9.59 -24.53 12.59
C GLY B 247 -9.39 -23.31 11.70
N TRP B 248 -8.25 -23.23 11.02
CA TRP B 248 -8.00 -22.14 10.08
C TRP B 248 -8.59 -22.54 8.73
N THR B 249 -9.25 -21.58 8.07
CA THR B 249 -9.99 -21.85 6.84
C THR B 249 -9.57 -20.90 5.69
N ASP B 250 -10.12 -21.14 4.50
CA ASP B 250 -9.78 -20.34 3.32
C ASP B 250 -8.26 -20.35 3.12
N VAL B 251 -7.66 -21.51 3.30
CA VAL B 251 -6.23 -21.65 3.23
C VAL B 251 -5.73 -21.73 1.78
N GLU B 252 -4.74 -20.89 1.45
CA GLU B 252 -4.15 -20.93 0.12
C GLU B 252 -2.68 -20.54 0.15
N MET B 253 -1.84 -21.33 -0.53
CA MET B 253 -0.43 -20.98 -0.69
C MET B 253 -0.23 -20.38 -2.08
N VAL B 254 0.59 -19.32 -2.16
CA VAL B 254 0.96 -18.68 -3.42
C VAL B 254 2.46 -18.41 -3.41
N GLU B 255 3.02 -18.15 -4.58
CA GLU B 255 4.34 -17.56 -4.65
C GLU B 255 4.28 -16.17 -5.33
N ILE B 256 5.17 -15.29 -4.94
CA ILE B 256 5.30 -13.98 -5.57
C ILE B 256 6.64 -13.91 -6.30
N GLN B 257 6.62 -13.51 -7.57
CA GLN B 257 7.84 -13.37 -8.34
C GLN B 257 8.04 -11.92 -8.77
N GLY B 258 9.14 -11.28 -8.35
CA GLY B 258 9.42 -9.91 -8.74
C GLY B 258 10.56 -9.84 -9.75
N ARG B 259 10.44 -8.94 -10.71
CA ARG B 259 11.50 -8.73 -11.69
C ARG B 259 11.72 -7.24 -11.84
N GLN B 260 12.94 -6.83 -12.15
CA GLN B 260 13.26 -5.44 -12.41
C GLN B 260 13.89 -5.34 -13.79
N TYR B 261 13.54 -4.27 -14.53
CA TYR B 261 14.10 -4.05 -15.87
C TYR B 261 14.86 -2.74 -15.95
N GLU B 262 16.00 -2.79 -16.61
CA GLU B 262 16.74 -1.60 -17.01
C GLU B 262 16.18 -1.05 -18.31
N SER B 263 16.21 0.27 -18.46
CA SER B 263 15.87 0.91 -19.72
C SER B 263 17.14 1.09 -20.53
N ARG B 264 17.21 0.44 -21.69
CA ARG B 264 18.45 0.42 -22.46
C ARG B 264 18.15 0.78 -23.90
N ARG B 265 19.18 0.77 -24.74
CA ARG B 265 19.04 1.01 -26.17
C ARG B 265 19.93 0.06 -26.96
N GLN B 266 19.40 -0.44 -28.07
CA GLN B 266 20.16 -1.28 -28.98
C GLN B 266 20.38 -0.53 -30.27
N MET B 267 21.60 -0.56 -30.80
CA MET B 267 21.92 0.12 -32.04
C MET B 267 21.11 -0.44 -33.20
N VAL B 268 20.57 0.44 -34.03
CA VAL B 268 19.87 0.06 -35.25
C VAL B 268 20.91 -0.08 -36.36
N ARG B 269 21.01 -1.27 -36.95
CA ARG B 269 21.98 -1.57 -38.00
C ARG B 269 21.26 -2.06 -39.24
N SER B 270 21.20 -1.22 -40.28
CA SER B 270 20.44 -1.58 -41.47
C SER B 270 21.17 -2.55 -42.41
N LEU B 271 20.37 -3.31 -43.14
CA LEU B 271 20.80 -4.12 -44.26
C LEU B 271 21.59 -3.29 -45.26
N ASN B 272 21.05 -2.14 -45.65
CA ASN B 272 21.70 -1.28 -46.64
C ASN B 272 23.10 -0.87 -46.25
N ASP B 273 23.32 -0.59 -44.98
CA ASP B 273 24.67 -0.25 -44.53
C ASP B 273 25.61 -1.47 -44.56
N ALA B 274 25.07 -2.66 -44.33
CA ALA B 274 25.88 -3.88 -44.41
C ALA B 274 26.21 -4.20 -45.87
N LEU B 275 25.25 -3.98 -46.76
CA LEU B 275 25.47 -4.12 -48.20
C LEU B 275 26.54 -3.14 -48.70
N GLU B 276 26.43 -1.88 -48.30
CA GLU B 276 27.38 -0.88 -48.75
C GLU B 276 28.80 -1.24 -48.31
N ARG B 277 28.97 -1.84 -47.13
CA ARG B 277 30.31 -2.27 -46.72
C ARG B 277 30.79 -3.43 -47.57
N LEU B 278 29.89 -4.34 -47.93
CA LEU B 278 30.24 -5.43 -48.82
C LEU B 278 30.59 -4.94 -50.24
N ARG B 279 29.89 -3.92 -50.72
CA ARG B 279 30.19 -3.32 -52.02
C ARG B 279 31.59 -2.71 -52.05
N ASP B 280 31.96 -2.02 -50.96
CA ASP B 280 33.29 -1.41 -50.86
C ASP B 280 34.41 -2.42 -50.74
N ILE B 281 34.15 -3.51 -50.02
CA ILE B 281 35.12 -4.59 -49.93
C ILE B 281 35.33 -5.17 -51.33
N LYS B 282 34.23 -5.24 -52.09
CA LYS B 282 34.24 -5.67 -53.48
C LYS B 282 35.03 -4.74 -54.41
N ARG B 283 34.88 -3.43 -54.27
CA ARG B 283 35.60 -2.50 -55.12
C ARG B 283 37.09 -2.70 -54.98
N HIS B 284 37.57 -2.71 -53.75
CA HIS B 284 39.00 -2.97 -53.50
C HIS B 284 39.46 -4.30 -54.10
N LYS B 285 38.49 -5.08 -54.59
CA LYS B 285 38.72 -6.30 -55.35
C LYS B 285 39.37 -7.37 -54.49
N ILE B 332 31.37 1.86 -29.79
CA ILE B 332 30.47 2.97 -29.56
C ILE B 332 29.83 2.89 -28.19
N LYS B 333 29.46 4.03 -27.66
CA LYS B 333 28.81 4.07 -26.38
C LYS B 333 27.34 4.17 -26.66
N GLU B 334 26.56 3.40 -25.92
CA GLU B 334 25.13 3.33 -26.06
C GLU B 334 24.51 4.70 -26.11
N GLY B 335 23.73 4.97 -27.16
CA GLY B 335 23.05 6.23 -27.30
C GLY B 335 23.80 7.29 -28.11
N ASP B 336 25.05 6.98 -28.47
CA ASP B 336 25.87 7.81 -29.38
C ASP B 336 25.06 8.41 -30.53
N SER B 337 25.01 9.74 -30.60
CA SER B 337 24.13 10.43 -31.56
C SER B 337 24.57 10.23 -33.01
N ASN B 338 25.76 9.67 -33.24
CA ASN B 338 26.16 9.34 -34.60
C ASN B 338 25.41 8.13 -35.15
N TYR B 339 24.65 7.45 -34.29
CA TYR B 339 23.94 6.24 -34.67
C TYR B 339 22.45 6.31 -34.31
N LYS B 340 21.67 5.37 -34.82
CA LYS B 340 20.26 5.28 -34.51
C LYS B 340 20.10 4.26 -33.41
N TRP B 341 19.12 4.43 -32.54
CA TRP B 341 18.95 3.54 -31.41
C TRP B 341 17.49 3.14 -31.23
N LYS B 342 17.30 1.95 -30.73
CA LYS B 342 15.97 1.44 -30.40
C LYS B 342 15.90 1.21 -28.91
N GLU B 343 14.84 1.71 -28.27
CA GLU B 343 14.64 1.52 -26.84
C GLU B 343 14.25 0.07 -26.53
N VAL B 344 14.85 -0.48 -25.52
CA VAL B 344 14.60 -1.84 -25.13
C VAL B 344 14.66 -2.00 -23.64
N THR B 345 14.00 -3.01 -23.12
CA THR B 345 14.09 -3.34 -21.70
C THR B 345 14.98 -4.56 -21.52
N LYS B 346 15.75 -4.55 -20.45
CA LYS B 346 16.74 -5.59 -20.24
C LYS B 346 16.60 -6.09 -18.81
N MET B 347 16.33 -7.37 -18.64
CA MET B 347 16.18 -7.85 -17.28
C MET B 347 17.46 -7.69 -16.45
N GLU B 348 17.29 -7.42 -15.16
CA GLU B 348 18.38 -7.43 -14.20
C GLU B 348 19.19 -8.71 -14.36
N ALA B 349 20.50 -8.63 -14.11
CA ALA B 349 21.39 -9.75 -14.43
C ALA B 349 21.11 -10.97 -13.56
N GLU B 350 20.77 -10.71 -12.30
CA GLU B 350 20.44 -11.78 -11.37
C GLU B 350 19.01 -11.60 -10.83
N ILE B 351 18.19 -12.63 -10.95
CA ILE B 351 16.81 -12.52 -10.48
C ILE B 351 16.63 -13.33 -9.20
N LYS B 352 15.69 -12.95 -8.36
CA LYS B 352 15.37 -13.70 -7.15
C LYS B 352 14.27 -14.65 -7.58
N SER B 353 14.66 -15.82 -8.04
CA SER B 353 13.73 -16.79 -8.61
C SER B 353 12.96 -17.55 -7.54
N HIS B 354 13.36 -17.42 -6.27
CA HIS B 354 12.55 -17.93 -5.16
C HIS B 354 12.91 -17.22 -3.87
N THR B 355 11.91 -16.71 -3.14
CA THR B 355 12.19 -16.20 -1.80
C THR B 355 11.55 -17.12 -0.76
N SER B 356 10.23 -17.31 -0.84
CA SER B 356 9.55 -18.36 -0.06
C SER B 356 8.15 -18.57 -0.58
N TYR B 357 7.58 -19.69 -0.16
CA TYR B 357 6.15 -19.91 -0.34
C TYR B 357 5.34 -19.15 0.71
N LEU B 358 4.24 -18.52 0.29
CA LEU B 358 3.40 -17.76 1.24
C LEU B 358 2.08 -18.46 1.47
N THR B 359 1.84 -18.95 2.67
CA THR B 359 0.60 -19.63 3.00
C THR B 359 -0.35 -18.75 3.80
N PHE B 360 -1.50 -18.44 3.24
CA PHE B 360 -2.48 -17.60 3.88
C PHE B 360 -3.59 -18.44 4.47
N ALA B 361 -4.18 -17.94 5.55
CA ALA B 361 -5.25 -18.65 6.25
C ALA B 361 -6.00 -17.66 7.13
N PHE B 362 -7.25 -17.99 7.44
CA PHE B 362 -8.10 -17.11 8.22
C PHE B 362 -8.89 -17.85 9.30
N LYS B 363 -9.20 -17.11 10.37
CA LYS B 363 -9.92 -17.70 11.50
C LYS B 363 -10.87 -16.69 12.11
N VAL B 364 -12.06 -17.16 12.45
CA VAL B 364 -13.00 -16.45 13.32
C VAL B 364 -13.26 -17.32 14.55
N VAL B 365 -12.96 -16.82 15.74
CA VAL B 365 -13.17 -17.61 16.96
C VAL B 365 -14.67 -17.66 17.37
N ASN B 366 -15.27 -16.51 17.68
CA ASN B 366 -16.68 -16.47 18.06
C ASN B 366 -17.57 -16.37 16.83
N ARG B 367 -18.04 -17.53 16.38
CA ARG B 367 -18.79 -17.62 15.15
C ARG B 367 -20.27 -17.48 15.47
N SER B 368 -20.64 -16.28 15.90
CA SER B 368 -21.97 -15.99 16.42
C SER B 368 -22.27 -14.50 16.36
N ARG B 369 -23.53 -14.16 16.60
CA ARG B 369 -23.96 -12.77 16.72
C ARG B 369 -24.73 -12.56 18.02
N ASP B 370 -24.89 -11.30 18.42
CA ASP B 370 -25.78 -10.92 19.51
C ASP B 370 -27.22 -10.87 19.01
N ASP B 371 -27.97 -11.95 19.17
CA ASP B 371 -29.29 -12.08 18.54
C ASP B 371 -30.30 -10.94 18.82
N GLU B 372 -30.47 -10.54 20.07
CA GLU B 372 -31.52 -9.55 20.31
C GLU B 372 -30.97 -8.14 20.44
N LYS B 373 -29.65 -7.99 20.35
CA LYS B 373 -29.10 -6.67 20.08
C LYS B 373 -29.48 -6.28 18.65
N VAL B 374 -29.60 -7.29 17.79
CA VAL B 374 -30.06 -7.06 16.42
C VAL B 374 -31.56 -6.84 16.43
N ASN B 375 -32.26 -7.52 17.33
CA ASN B 375 -33.68 -7.26 17.54
C ASN B 375 -33.91 -5.86 18.11
N GLU B 376 -33.02 -5.43 19.03
CA GLU B 376 -33.11 -4.12 19.66
C GLU B 376 -32.82 -2.98 18.70
N ILE B 377 -32.82 -3.26 17.42
CA ILE B 377 -32.73 -2.26 16.37
C ILE B 377 -33.94 -2.34 15.45
N LEU B 378 -34.92 -1.47 15.74
CA LEU B 378 -36.21 -1.44 15.04
C LEU B 378 -37.02 -0.23 15.50
#